data_7FH8
#
_entry.id   7FH8
#
_cell.length_a   60.280
_cell.length_b   78.460
_cell.length_c   126.290
_cell.angle_alpha   90.000
_cell.angle_beta   90.000
_cell.angle_gamma   90.000
#
_symmetry.space_group_name_H-M   'P 21 21 21'
#
loop_
_entity.id
_entity.type
_entity.pdbx_description
1 polymer CylK
2 non-polymer 2-[(5S,10S)-11-[3,5-bis(oxidanyl)phenyl]-10-methyl-undecan-5-yl]-5-[(2S,7R)-7-fluoranyl-2-methyl-undecyl]benzene-1,3-diol
3 non-polymer 'MAGNESIUM ION'
4 non-polymer 'CALCIUM ION'
5 non-polymer 'CHLORIDE ION'
6 water water
#
_entity_poly.entity_id   1
_entity_poly.type   'polypeptide(L)'
_entity_poly.pdbx_seq_one_letter_code
;MKKNKKTTKSLLSADEKITESLRSTLSDVLPDQLQTYIRTVLQFSGRPEGANLLTGPNTEIEFFSQDPNKNFPNIFAKYS
NVLTVSSDPNFITSEDEEVKIIWGRHGSDSLIGFDPGADLVGKRRIDIFLGDFIDEQFNPIPGALNAGKSWSDRFILGDW
QKPYYFEDDETLGLNQSAMILDFNPNEDVIQLHGDRQDYELVNISLGTAIFWREKKGYDLIGVLGGVSDLSLKGDYFEFK
GNTAPKTVLKTAEHIGTAANDYIFSSTVDAKGNFYVGGGTGGSLGGRNIGARDAWLAKYDSNGNQRWSRQFGSTGTESLW
GMASDGSNIYVAGNTTGQLENNTVKGGNDAYLAKYDSDGNQVWIKQNGTYTLEESYKITVDSSGNIYTAGATFGSLGGPN
QNLEQGEVFELPSTDGYVAKFDSNGNQLWVAQFGTITLDDNWGVAADNNGNVFAGGNTKGSFGAKNTGTAGEYDAWLVKL
NKDGQTDWVRQFGTPNYDFMWDIETDSLGDIYATGWTLGDLGGKNAGSYDVWLAKYNTNGNQLWIKQFGTSEDDAPFLDG
IDIDANDNIFLTGNTNGNLGGANAGSYDAWAAKFDKDGNQLWLKQFGTPDYDTATTVTAVNFGKLYVSGITEGSLGTTNA
GSYDSWALKLDADNGEIQDFNSSTNTFGQTGFLNLG
;
_entity_poly.pdbx_strand_id   A
#
loop_
_chem_comp.id
_chem_comp.type
_chem_comp.name
_chem_comp.formula
4PJ non-polymer 2-[(5S,10S)-11-[3,5-bis(oxidanyl)phenyl]-10-methyl-undecan-5-yl]-5-[(2S,7R)-7-fluoranyl-2-methyl-undecyl]benzene-1,3-diol 'C36 H57 F O4'
CA non-polymer 'CALCIUM ION' 'Ca 2'
CL non-polymer 'CHLORIDE ION' 'Cl -1'
MG non-polymer 'MAGNESIUM ION' 'Mg 2'
#
# COMPACT_ATOMS: atom_id res chain seq x y z
N SER A 10 -4.89 -33.45 20.96
CA SER A 10 -3.59 -33.65 21.60
C SER A 10 -2.47 -32.97 20.81
N LEU A 11 -1.56 -32.31 21.53
CA LEU A 11 -0.41 -31.64 20.93
C LEU A 11 0.80 -32.56 20.81
N LEU A 12 0.60 -33.87 20.88
CA LEU A 12 1.70 -34.83 20.78
C LEU A 12 2.31 -34.79 19.39
N SER A 13 3.64 -34.70 19.34
CA SER A 13 4.40 -34.66 18.08
C SER A 13 4.04 -33.45 17.24
N ALA A 14 3.59 -32.37 17.89
CA ALA A 14 3.24 -31.16 17.16
C ALA A 14 4.40 -30.65 16.33
N ASP A 15 5.61 -30.68 16.89
CA ASP A 15 6.78 -30.20 16.16
CA ASP A 15 6.80 -30.22 16.18
C ASP A 15 6.91 -30.90 14.81
N GLU A 16 6.91 -32.24 14.83
CA GLU A 16 7.02 -33.02 13.60
C GLU A 16 5.88 -32.71 12.65
N LYS A 17 4.65 -32.66 13.16
CA LYS A 17 3.50 -32.42 12.28
C LYS A 17 3.54 -31.03 11.66
N ILE A 18 3.91 -30.01 12.44
CA ILE A 18 3.99 -28.65 11.93
C ILE A 18 5.07 -28.55 10.84
N THR A 19 6.26 -29.06 11.12
CA THR A 19 7.34 -28.98 10.15
C THR A 19 6.97 -29.66 8.83
N GLU A 20 6.41 -30.87 8.91
CA GLU A 20 6.07 -31.59 7.68
CA GLU A 20 6.07 -31.59 7.68
C GLU A 20 4.95 -30.88 6.92
N SER A 21 3.98 -30.32 7.63
CA SER A 21 2.89 -29.62 6.96
C SER A 21 3.39 -28.37 6.24
N LEU A 22 4.15 -27.53 6.95
CA LEU A 22 4.66 -26.30 6.34
C LEU A 22 5.60 -26.62 5.19
N ARG A 23 6.52 -27.57 5.39
CA ARG A 23 7.43 -27.96 4.33
C ARG A 23 6.67 -28.44 3.10
N SER A 24 5.67 -29.29 3.30
CA SER A 24 4.93 -29.85 2.16
C SER A 24 4.23 -28.75 1.37
N THR A 25 3.50 -27.86 2.07
CA THR A 25 2.77 -26.80 1.38
C THR A 25 3.72 -25.81 0.72
N LEU A 26 4.73 -25.35 1.45
CA LEU A 26 5.62 -24.35 0.88
C LEU A 26 6.37 -24.90 -0.32
N SER A 27 6.83 -26.15 -0.23
CA SER A 27 7.58 -26.73 -1.34
C SER A 27 6.68 -27.12 -2.50
N ASP A 28 5.40 -27.35 -2.26
CA ASP A 28 4.48 -27.65 -3.35
C ASP A 28 4.05 -26.38 -4.10
N VAL A 29 3.92 -25.27 -3.39
CA VAL A 29 3.35 -24.04 -3.96
C VAL A 29 4.41 -23.15 -4.59
N LEU A 30 5.51 -22.92 -3.90
CA LEU A 30 6.46 -21.91 -4.37
C LEU A 30 7.30 -22.46 -5.52
N PRO A 31 7.42 -21.72 -6.63
CA PRO A 31 8.27 -22.17 -7.73
C PRO A 31 9.72 -22.35 -7.30
N ASP A 32 10.41 -23.27 -7.99
CA ASP A 32 11.80 -23.58 -7.64
C ASP A 32 12.71 -22.36 -7.72
N GLN A 33 12.49 -21.47 -8.71
CA GLN A 33 13.27 -20.25 -8.78
C GLN A 33 13.12 -19.44 -7.50
N LEU A 34 11.89 -19.35 -7.01
CA LEU A 34 11.63 -18.55 -5.81
C LEU A 34 12.19 -19.25 -4.57
N GLN A 35 12.05 -20.58 -4.48
CA GLN A 35 12.64 -21.29 -3.36
C GLN A 35 14.15 -21.08 -3.32
N THR A 36 14.80 -21.13 -4.49
CA THR A 36 16.25 -20.94 -4.54
C THR A 36 16.62 -19.55 -4.04
N TYR A 37 15.88 -18.54 -4.48
CA TYR A 37 16.13 -17.17 -4.05
C TYR A 37 15.92 -17.01 -2.54
N ILE A 38 14.80 -17.53 -2.02
CA ILE A 38 14.47 -17.35 -0.60
C ILE A 38 15.50 -18.03 0.28
N ARG A 39 15.85 -19.28 -0.04
CA ARG A 39 16.85 -20.00 0.74
C ARG A 39 18.13 -19.18 0.86
N THR A 40 18.60 -18.63 -0.27
CA THR A 40 19.82 -17.82 -0.25
C THR A 40 19.69 -16.62 0.67
N VAL A 41 18.53 -15.95 0.66
CA VAL A 41 18.36 -14.72 1.43
C VAL A 41 18.29 -15.02 2.93
N LEU A 42 17.46 -16.00 3.32
CA LEU A 42 17.28 -16.27 4.75
C LEU A 42 18.58 -16.72 5.41
N GLN A 43 19.40 -17.50 4.68
CA GLN A 43 20.67 -17.93 5.24
C GLN A 43 21.64 -16.76 5.39
N PHE A 44 21.70 -15.91 4.37
CA PHE A 44 22.60 -14.74 4.40
C PHE A 44 22.24 -13.78 5.52
N SER A 45 20.97 -13.71 5.90
CA SER A 45 20.44 -12.66 6.77
CA SER A 45 20.50 -12.65 6.78
C SER A 45 20.38 -13.04 8.24
N GLY A 46 20.63 -14.30 8.58
CA GLY A 46 20.52 -14.68 9.98
C GLY A 46 19.11 -14.96 10.45
N ARG A 47 18.18 -15.24 9.53
CA ARG A 47 16.84 -15.70 9.86
CA ARG A 47 16.84 -15.71 9.87
C ARG A 47 16.62 -17.06 9.20
N PRO A 48 17.44 -18.06 9.55
CA PRO A 48 17.48 -19.29 8.73
C PRO A 48 16.37 -20.30 8.99
N GLU A 49 15.49 -20.07 9.98
CA GLU A 49 14.59 -21.13 10.41
C GLU A 49 13.68 -21.63 9.29
N GLY A 50 13.23 -20.72 8.42
CA GLY A 50 12.32 -21.14 7.37
C GLY A 50 12.95 -21.90 6.21
N ALA A 51 14.28 -21.93 6.14
CA ALA A 51 14.95 -22.43 4.95
C ALA A 51 14.71 -23.91 4.72
N ASN A 52 14.82 -24.73 5.77
CA ASN A 52 14.69 -26.17 5.63
C ASN A 52 13.29 -26.58 5.17
N LEU A 53 12.34 -25.65 5.14
CA LEU A 53 10.99 -25.93 4.70
C LEU A 53 10.84 -25.90 3.19
N LEU A 54 11.89 -25.51 2.46
CA LEU A 54 11.85 -25.35 1.01
C LEU A 54 12.81 -26.40 0.42
N THR A 55 12.25 -27.48 -0.14
CA THR A 55 13.06 -28.62 -0.55
C THR A 55 13.16 -28.80 -2.06
N GLY A 56 12.64 -27.86 -2.85
CA GLY A 56 12.79 -27.91 -4.28
C GLY A 56 14.25 -27.76 -4.70
N PRO A 57 14.58 -28.22 -5.90
CA PRO A 57 15.98 -28.18 -6.33
C PRO A 57 16.44 -26.75 -6.64
N ASN A 58 17.72 -26.51 -6.41
CA ASN A 58 18.33 -25.24 -6.82
C ASN A 58 18.14 -25.06 -8.32
N THR A 59 17.75 -23.85 -8.71
CA THR A 59 17.30 -23.56 -10.06
C THR A 59 17.79 -22.17 -10.43
N GLU A 60 18.19 -22.00 -11.69
CA GLU A 60 18.67 -20.71 -12.16
C GLU A 60 17.58 -19.66 -12.03
N ILE A 61 17.92 -18.52 -11.44
CA ILE A 61 16.98 -17.44 -11.23
C ILE A 61 17.02 -16.54 -12.46
N GLU A 62 15.89 -16.45 -13.17
CA GLU A 62 15.85 -15.80 -14.48
C GLU A 62 15.42 -14.33 -14.32
N PHE A 63 16.37 -13.56 -13.79
CA PHE A 63 16.10 -12.17 -13.43
C PHE A 63 15.60 -11.34 -14.61
N PHE A 64 16.04 -11.66 -15.84
CA PHE A 64 15.74 -10.83 -16.99
C PHE A 64 15.07 -11.60 -18.13
N SER A 65 14.48 -12.76 -17.86
CA SER A 65 13.79 -13.49 -18.93
C SER A 65 12.62 -12.67 -19.45
N GLN A 66 12.43 -12.72 -20.77
CA GLN A 66 11.30 -12.06 -21.40
C GLN A 66 10.08 -12.97 -21.51
N ASP A 67 10.22 -14.23 -21.09
CA ASP A 67 9.07 -15.13 -20.97
C ASP A 67 8.33 -14.77 -19.70
N PRO A 68 7.05 -14.36 -19.77
CA PRO A 68 6.34 -13.95 -18.55
C PRO A 68 6.27 -15.04 -17.50
N ASN A 69 6.32 -16.31 -17.90
CA ASN A 69 6.23 -17.41 -16.96
C ASN A 69 7.53 -17.68 -16.24
N LYS A 70 8.66 -17.24 -16.81
CA LYS A 70 9.98 -17.44 -16.22
C LYS A 70 10.56 -16.17 -15.62
N ASN A 71 10.12 -15.01 -16.05
CA ASN A 71 10.63 -13.73 -15.57
C ASN A 71 10.54 -13.66 -14.05
N PHE A 72 11.70 -13.48 -13.41
CA PHE A 72 11.70 -13.58 -11.95
C PHE A 72 10.94 -12.46 -11.24
N PRO A 73 11.01 -11.20 -11.70
CA PRO A 73 10.13 -10.19 -11.09
C PRO A 73 8.67 -10.61 -11.08
N ASN A 74 8.17 -11.23 -12.15
CA ASN A 74 6.80 -11.76 -12.14
C ASN A 74 6.63 -12.82 -11.06
N ILE A 75 7.55 -13.79 -11.01
CA ILE A 75 7.43 -14.87 -10.04
C ILE A 75 7.43 -14.34 -8.63
N PHE A 76 8.40 -13.46 -8.33
CA PHE A 76 8.48 -12.90 -6.99
C PHE A 76 7.20 -12.15 -6.63
N ALA A 77 6.71 -11.31 -7.54
CA ALA A 77 5.51 -10.52 -7.27
C ALA A 77 4.29 -11.40 -7.07
N LYS A 78 4.20 -12.53 -7.78
CA LYS A 78 3.03 -13.39 -7.68
CA LYS A 78 3.03 -13.38 -7.68
C LYS A 78 2.84 -13.90 -6.26
N TYR A 79 3.94 -14.16 -5.55
CA TYR A 79 3.87 -14.76 -4.23
C TYR A 79 4.29 -13.80 -3.12
N SER A 80 4.23 -12.49 -3.35
CA SER A 80 4.65 -11.56 -2.31
C SER A 80 3.75 -10.34 -2.27
N ASN A 81 3.73 -9.71 -1.10
CA ASN A 81 3.28 -8.32 -0.94
C ASN A 81 4.49 -7.56 -0.42
N VAL A 82 5.20 -6.87 -1.31
CA VAL A 82 6.34 -6.05 -0.91
C VAL A 82 5.79 -4.67 -0.59
N LEU A 83 5.90 -4.26 0.67
CA LEU A 83 5.38 -2.97 1.09
C LEU A 83 6.47 -1.90 0.96
N THR A 84 6.28 -0.73 1.57
CA THR A 84 7.12 0.43 1.28
C THR A 84 8.03 0.75 2.46
N VAL A 85 8.83 1.80 2.28
CA VAL A 85 9.66 2.31 3.37
C VAL A 85 8.83 3.04 4.42
N SER A 86 7.56 3.29 4.14
CA SER A 86 6.64 3.95 5.06
C SER A 86 6.13 2.98 6.11
N SER A 87 5.44 3.52 7.12
CA SER A 87 4.68 2.69 8.05
C SER A 87 3.37 2.31 7.37
N ASP A 88 3.30 1.07 6.87
CA ASP A 88 2.25 0.67 5.94
C ASP A 88 1.18 -0.18 6.61
N PRO A 89 -0.09 0.07 6.32
CA PRO A 89 -1.06 -1.02 6.31
C PRO A 89 -0.77 -1.88 5.08
N ASN A 90 -1.23 -3.14 5.08
CA ASN A 90 -0.98 -3.94 3.87
C ASN A 90 -2.04 -3.60 2.83
N PHE A 91 -1.77 -2.51 2.09
CA PHE A 91 -2.75 -1.99 1.15
C PHE A 91 -2.86 -2.81 -0.13
N ILE A 92 -2.03 -3.86 -0.30
CA ILE A 92 -2.06 -4.69 -1.50
C ILE A 92 -2.55 -6.11 -1.24
N THR A 93 -3.02 -6.42 -0.03
CA THR A 93 -3.40 -7.80 0.27
C THR A 93 -4.62 -8.27 -0.55
N SER A 94 -4.57 -9.51 -1.01
CA SER A 94 -5.64 -10.06 -1.85
C SER A 94 -5.53 -11.58 -1.79
N GLU A 95 -6.68 -12.25 -1.73
CA GLU A 95 -6.73 -13.70 -1.56
C GLU A 95 -6.64 -14.39 -2.92
N ASP A 96 -5.46 -14.27 -3.55
CA ASP A 96 -5.24 -14.80 -4.88
C ASP A 96 -4.20 -15.92 -4.95
N GLU A 97 -3.58 -16.28 -3.83
CA GLU A 97 -2.60 -17.34 -3.79
C GLU A 97 -2.68 -18.08 -2.46
N GLU A 98 -2.20 -19.32 -2.45
CA GLU A 98 -2.16 -20.09 -1.21
C GLU A 98 -1.08 -19.58 -0.26
N VAL A 99 0.08 -19.21 -0.80
CA VAL A 99 1.22 -18.78 0.01
C VAL A 99 1.62 -17.38 -0.43
N LYS A 100 1.87 -16.51 0.55
CA LYS A 100 2.29 -15.13 0.28
CA LYS A 100 2.28 -15.14 0.27
C LYS A 100 3.38 -14.74 1.26
N ILE A 101 4.40 -14.05 0.75
CA ILE A 101 5.45 -13.46 1.56
C ILE A 101 5.09 -12.00 1.73
N ILE A 102 4.81 -11.58 2.96
CA ILE A 102 4.35 -10.22 3.26
C ILE A 102 5.50 -9.50 3.95
N TRP A 103 6.07 -8.51 3.26
CA TRP A 103 7.35 -7.92 3.65
C TRP A 103 7.14 -6.44 3.96
N GLY A 104 7.20 -6.10 5.26
CA GLY A 104 6.89 -4.73 5.67
C GLY A 104 7.98 -3.72 5.35
N ARG A 105 9.24 -4.15 5.37
CA ARG A 105 10.38 -3.23 5.21
C ARG A 105 10.36 -2.18 6.31
N HIS A 106 10.93 -1.00 6.05
CA HIS A 106 11.06 0.00 7.08
C HIS A 106 9.68 0.48 7.53
N GLY A 107 9.66 1.15 8.68
CA GLY A 107 8.43 1.69 9.21
C GLY A 107 7.70 0.71 10.13
N SER A 108 6.73 1.26 10.86
CA SER A 108 5.93 0.50 11.83
C SER A 108 4.71 -0.02 11.08
N ASP A 109 4.81 -1.24 10.57
CA ASP A 109 3.81 -1.75 9.65
C ASP A 109 2.69 -2.49 10.37
N SER A 110 1.48 -2.37 9.82
CA SER A 110 0.30 -3.07 10.31
C SER A 110 0.04 -4.17 9.30
N LEU A 111 0.57 -5.37 9.59
CA LEU A 111 0.66 -6.44 8.60
C LEU A 111 -0.49 -7.41 8.72
N ILE A 112 -1.25 -7.55 7.64
CA ILE A 112 -2.34 -8.50 7.53
C ILE A 112 -2.19 -9.21 6.20
N GLY A 113 -2.60 -10.47 6.15
CA GLY A 113 -2.60 -11.21 4.90
C GLY A 113 -3.81 -12.10 4.66
N PHE A 114 -4.58 -12.33 5.71
CA PHE A 114 -5.69 -13.27 5.68
C PHE A 114 -6.98 -12.47 5.77
N ASP A 115 -7.87 -12.62 4.79
CA ASP A 115 -9.12 -11.88 4.77
C ASP A 115 -10.19 -12.71 5.47
N PRO A 116 -10.69 -12.29 6.64
CA PRO A 116 -11.68 -13.10 7.35
C PRO A 116 -13.03 -13.19 6.65
N GLY A 117 -13.28 -12.34 5.66
CA GLY A 117 -14.50 -12.38 4.90
C GLY A 117 -14.45 -13.16 3.62
N ALA A 118 -13.28 -13.71 3.26
CA ALA A 118 -13.16 -14.50 2.05
C ALA A 118 -13.56 -15.96 2.32
N ASP A 119 -14.06 -16.62 1.28
CA ASP A 119 -14.36 -18.04 1.38
C ASP A 119 -13.06 -18.80 1.20
N LEU A 120 -12.45 -19.19 2.32
CA LEU A 120 -11.18 -19.90 2.31
C LEU A 120 -11.33 -21.30 2.90
N VAL A 121 -12.57 -21.79 3.03
CA VAL A 121 -12.80 -23.11 3.61
C VAL A 121 -12.14 -24.16 2.74
N GLY A 122 -11.31 -25.00 3.37
CA GLY A 122 -10.61 -26.06 2.67
C GLY A 122 -9.35 -25.63 1.93
N LYS A 123 -9.05 -24.33 1.88
CA LYS A 123 -7.91 -23.85 1.11
C LYS A 123 -6.65 -23.85 1.97
N ARG A 124 -5.54 -24.26 1.37
CA ARG A 124 -4.25 -24.13 2.04
C ARG A 124 -3.86 -22.65 2.08
N ARG A 125 -3.45 -22.16 3.25
CA ARG A 125 -3.09 -20.75 3.39
C ARG A 125 -1.91 -20.60 4.35
N ILE A 126 -0.77 -20.15 3.83
CA ILE A 126 0.36 -19.79 4.67
C ILE A 126 0.80 -18.39 4.29
N ASP A 127 0.73 -17.45 5.23
CA ASP A 127 1.29 -16.13 5.03
C ASP A 127 2.60 -16.07 5.81
N ILE A 128 3.68 -15.76 5.10
CA ILE A 128 5.02 -15.62 5.68
C ILE A 128 5.26 -14.14 5.88
N PHE A 129 5.41 -13.71 7.14
CA PHE A 129 5.55 -12.31 7.48
C PHE A 129 6.98 -11.95 7.83
N LEU A 130 7.44 -10.84 7.27
CA LEU A 130 8.68 -10.18 7.67
CA LEU A 130 8.68 -10.17 7.66
C LEU A 130 8.30 -8.76 8.06
N GLY A 131 8.36 -8.46 9.37
CA GLY A 131 7.97 -7.13 9.82
C GLY A 131 8.89 -6.05 9.32
N ASP A 132 10.20 -6.30 9.40
CA ASP A 132 11.20 -5.35 8.93
C ASP A 132 12.04 -6.00 7.84
N PHE A 133 13.11 -6.69 8.21
CA PHE A 133 14.07 -7.25 7.26
CA PHE A 133 14.01 -7.28 7.23
C PHE A 133 14.40 -6.24 6.18
N ILE A 134 14.95 -5.12 6.64
CA ILE A 134 15.07 -3.95 5.78
C ILE A 134 16.18 -4.10 4.75
N ASP A 135 16.09 -3.26 3.71
CA ASP A 135 17.01 -3.31 2.58
C ASP A 135 18.46 -3.25 3.04
N GLU A 136 18.75 -2.45 4.06
N GLU A 136 18.74 -2.46 4.08
CA GLU A 136 20.09 -2.35 4.60
CA GLU A 136 20.11 -2.26 4.54
C GLU A 136 20.58 -3.67 5.16
C GLU A 136 20.82 -3.54 4.96
N GLN A 137 19.68 -4.49 5.72
N GLN A 137 20.07 -4.62 5.23
CA GLN A 137 20.03 -5.83 6.15
CA GLN A 137 20.71 -5.87 5.64
C GLN A 137 20.10 -6.79 4.96
C GLN A 137 21.64 -6.41 4.56
N PHE A 138 19.15 -6.64 4.03
N PHE A 138 21.36 -6.09 3.30
CA PHE A 138 19.17 -7.40 2.79
CA PHE A 138 22.13 -6.60 2.17
C PHE A 138 20.44 -7.14 1.98
C PHE A 138 23.20 -5.61 1.71
N ASN A 139 20.90 -5.89 1.94
N ASN A 139 23.46 -4.57 2.50
CA ASN A 139 22.04 -5.50 1.11
CA ASN A 139 24.53 -3.62 2.19
C ASN A 139 22.84 -4.43 1.82
C ASN A 139 25.88 -4.32 2.32
N PRO A 140 23.79 -4.83 2.66
N PRO A 140 26.69 -4.37 1.27
CA PRO A 140 24.52 -3.85 3.48
CA PRO A 140 28.06 -4.90 1.43
C PRO A 140 25.50 -3.03 2.65
C PRO A 140 28.93 -4.03 2.31
N ILE A 141 25.49 -1.71 2.88
N ILE A 141 28.58 -2.78 2.53
CA ILE A 141 26.37 -0.76 2.20
CA ILE A 141 29.40 -1.82 3.24
C ILE A 141 26.99 0.15 3.26
C ILE A 141 28.62 -1.29 4.44
N PRO A 142 28.30 0.43 3.20
N PRO A 142 29.19 -1.30 5.64
CA PRO A 142 28.92 1.25 4.24
CA PRO A 142 28.46 -0.84 6.83
C PRO A 142 28.29 2.63 4.36
C PRO A 142 28.37 0.68 6.88
N GLY A 143 28.13 3.08 5.60
N GLY A 143 27.55 1.16 7.83
CA GLY A 143 27.58 4.39 5.89
CA GLY A 143 27.48 2.58 8.14
C GLY A 143 26.07 4.45 6.01
C GLY A 143 26.25 3.30 7.64
N ALA A 144 25.38 3.31 5.99
N ALA A 144 25.44 2.67 6.80
CA ALA A 144 23.92 3.29 5.94
CA ALA A 144 24.25 3.34 6.26
C ALA A 144 23.33 3.82 7.24
C ALA A 144 23.37 3.87 7.40
N LEU A 145 22.64 4.95 7.13
CA LEU A 145 21.94 5.59 8.26
C LEU A 145 20.97 4.65 8.96
N ASN A 146 20.32 3.76 8.22
CA ASN A 146 19.34 2.87 8.80
C ASN A 146 19.86 1.47 9.11
N ALA A 147 21.17 1.24 8.94
CA ALA A 147 21.72 -0.05 9.31
C ALA A 147 21.43 -0.33 10.79
N GLY A 148 20.89 -1.52 11.07
CA GLY A 148 20.59 -1.90 12.44
C GLY A 148 19.32 -1.31 13.03
N LYS A 149 18.56 -0.53 12.26
CA LYS A 149 17.32 0.04 12.75
CA LYS A 149 17.32 0.04 12.75
C LYS A 149 16.16 -0.92 12.51
N SER A 150 15.21 -0.89 13.43
CA SER A 150 13.99 -1.69 13.30
C SER A 150 12.83 -0.90 13.89
N TRP A 151 11.62 -1.40 13.65
CA TRP A 151 10.40 -0.69 14.01
C TRP A 151 9.44 -1.66 14.68
N SER A 152 8.47 -1.11 15.42
CA SER A 152 7.39 -1.91 15.98
CA SER A 152 7.39 -1.90 15.98
C SER A 152 6.40 -2.25 14.88
N ASP A 153 6.34 -3.52 14.49
CA ASP A 153 5.37 -4.00 13.53
C ASP A 153 4.29 -4.77 14.26
N ARG A 154 3.06 -4.70 13.74
CA ARG A 154 1.93 -5.41 14.31
C ARG A 154 1.53 -6.50 13.33
N PHE A 155 1.61 -7.76 13.76
CA PHE A 155 1.29 -8.92 12.94
C PHE A 155 -0.13 -9.33 13.29
N ILE A 156 -1.05 -9.18 12.34
CA ILE A 156 -2.48 -9.39 12.61
C ILE A 156 -2.84 -10.85 12.34
N LEU A 157 -3.00 -11.62 13.42
CA LEU A 157 -3.34 -13.04 13.35
C LEU A 157 -4.77 -13.30 13.82
N GLY A 158 -5.54 -12.25 14.02
CA GLY A 158 -6.93 -12.33 14.44
C GLY A 158 -7.37 -10.96 14.87
N ASP A 159 -8.68 -10.84 15.11
CA ASP A 159 -9.23 -9.54 15.49
C ASP A 159 -10.44 -9.78 16.39
N TRP A 160 -11.27 -8.76 16.58
CA TRP A 160 -12.46 -8.88 17.42
C TRP A 160 -13.43 -9.92 16.87
N GLN A 161 -13.38 -10.21 15.58
CA GLN A 161 -14.37 -11.05 14.92
C GLN A 161 -14.04 -12.53 15.03
N LYS A 162 -12.81 -12.92 14.70
CA LYS A 162 -12.46 -14.33 14.66
C LYS A 162 -10.94 -14.47 14.71
N PRO A 163 -10.43 -15.63 15.10
CA PRO A 163 -9.01 -15.92 14.83
C PRO A 163 -8.83 -16.09 13.34
N TYR A 164 -7.66 -15.71 12.86
CA TYR A 164 -7.37 -15.95 11.45
C TYR A 164 -6.71 -17.32 11.32
N TYR A 165 -6.66 -17.84 10.08
CA TYR A 165 -6.01 -19.12 9.81
C TYR A 165 -6.65 -20.26 10.59
N PHE A 166 -7.96 -20.16 10.83
CA PHE A 166 -8.65 -21.02 11.78
C PHE A 166 -9.57 -21.97 11.01
N GLU A 167 -9.23 -23.26 11.02
CA GLU A 167 -10.00 -24.24 10.28
C GLU A 167 -11.15 -24.84 11.09
N ASP A 168 -11.05 -24.81 12.42
CA ASP A 168 -12.17 -25.19 13.28
C ASP A 168 -12.67 -26.61 12.97
N ASP A 169 -11.73 -27.54 12.90
CA ASP A 169 -12.07 -28.92 12.56
C ASP A 169 -11.40 -29.92 13.50
N GLU A 170 -11.46 -31.21 13.15
CA GLU A 170 -10.95 -32.23 14.06
CA GLU A 170 -10.95 -32.27 14.01
C GLU A 170 -9.44 -32.42 13.96
N THR A 171 -8.75 -31.65 13.13
CA THR A 171 -7.30 -31.73 13.01
C THR A 171 -6.64 -30.69 13.90
N LEU A 172 -5.31 -30.64 13.83
CA LEU A 172 -4.55 -29.61 14.53
C LEU A 172 -4.57 -28.27 13.81
N GLY A 173 -5.30 -28.15 12.70
CA GLY A 173 -5.41 -26.89 12.01
C GLY A 173 -4.11 -26.44 11.38
N LEU A 174 -3.40 -27.36 10.73
CA LEU A 174 -2.11 -27.06 10.11
C LEU A 174 -2.23 -26.58 8.67
N ASN A 175 -3.42 -26.66 8.06
CA ASN A 175 -3.57 -26.33 6.66
C ASN A 175 -3.54 -24.82 6.43
N GLN A 176 -3.84 -24.02 7.46
CA GLN A 176 -3.76 -22.57 7.40
C GLN A 176 -3.00 -22.08 8.62
N SER A 177 -2.02 -21.21 8.40
CA SER A 177 -1.20 -20.70 9.50
CA SER A 177 -1.21 -20.69 9.49
C SER A 177 -0.39 -19.53 9.00
N ALA A 178 -0.08 -18.61 9.90
CA ALA A 178 0.90 -17.59 9.64
C ALA A 178 2.27 -18.12 10.05
N MET A 179 3.31 -17.60 9.40
CA MET A 179 4.68 -17.86 9.81
CA MET A 179 4.70 -17.87 9.77
C MET A 179 5.40 -16.53 9.85
N ILE A 180 5.73 -16.08 11.06
CA ILE A 180 6.41 -14.80 11.25
C ILE A 180 7.88 -15.10 11.47
N LEU A 181 8.73 -14.54 10.61
CA LEU A 181 10.14 -14.93 10.61
C LEU A 181 11.04 -14.03 11.47
N ASP A 182 10.61 -12.81 11.77
CA ASP A 182 11.48 -11.85 12.44
C ASP A 182 10.77 -11.18 13.61
N PHE A 183 9.92 -11.92 14.33
CA PHE A 183 9.23 -11.35 15.49
C PHE A 183 10.24 -11.00 16.56
N ASN A 184 10.22 -9.73 17.00
CA ASN A 184 11.08 -9.26 18.08
C ASN A 184 10.17 -8.87 19.25
N PRO A 185 10.14 -9.65 20.33
CA PRO A 185 9.21 -9.32 21.43
C PRO A 185 9.50 -8.00 22.12
N ASN A 186 10.71 -7.45 21.97
CA ASN A 186 11.00 -6.13 22.53
C ASN A 186 10.32 -4.99 21.79
N GLU A 187 9.80 -5.21 20.57
CA GLU A 187 9.28 -4.11 19.76
CA GLU A 187 9.28 -4.12 19.76
C GLU A 187 7.95 -4.46 19.09
N ASP A 188 7.81 -5.67 18.57
CA ASP A 188 6.68 -6.02 17.73
C ASP A 188 5.48 -6.46 18.56
N VAL A 189 4.32 -6.55 17.92
CA VAL A 189 3.09 -7.01 18.56
C VAL A 189 2.46 -8.07 17.68
N ILE A 190 1.94 -9.13 18.31
CA ILE A 190 1.11 -10.13 17.63
C ILE A 190 -0.32 -9.92 18.11
N GLN A 191 -1.21 -9.60 17.18
CA GLN A 191 -2.60 -9.35 17.51
C GLN A 191 -3.43 -10.63 17.36
N LEU A 192 -4.22 -10.95 18.38
CA LEU A 192 -5.00 -12.18 18.40
C LEU A 192 -6.44 -11.94 18.81
N HIS A 193 -7.34 -12.74 18.24
CA HIS A 193 -8.73 -12.79 18.65
C HIS A 193 -8.87 -13.31 20.08
N GLY A 194 -9.89 -12.83 20.78
CA GLY A 194 -10.24 -13.41 22.07
C GLY A 194 -9.38 -12.94 23.22
N ASP A 195 -8.96 -13.86 24.09
CA ASP A 195 -8.12 -13.51 25.23
C ASP A 195 -7.06 -14.60 25.44
N ARG A 196 -6.17 -14.35 26.39
CA ARG A 196 -5.01 -15.23 26.54
C ARG A 196 -5.41 -16.64 26.92
N GLN A 197 -6.55 -16.80 27.60
CA GLN A 197 -7.00 -18.14 27.96
C GLN A 197 -7.46 -18.96 26.74
N ASP A 198 -7.53 -18.35 25.56
CA ASP A 198 -7.91 -19.04 24.35
C ASP A 198 -6.74 -19.69 23.62
N TYR A 199 -5.52 -19.56 24.15
CA TYR A 199 -4.33 -19.97 23.43
C TYR A 199 -3.41 -20.82 24.29
N GLU A 200 -2.53 -21.55 23.59
CA GLU A 200 -1.42 -22.25 24.23
C GLU A 200 -0.20 -22.09 23.33
N LEU A 201 0.93 -21.78 23.94
CA LEU A 201 2.20 -21.67 23.23
C LEU A 201 2.98 -22.96 23.41
N VAL A 202 3.63 -23.42 22.34
CA VAL A 202 4.43 -24.63 22.36
C VAL A 202 5.79 -24.31 21.76
N ASN A 203 6.86 -24.63 22.49
CA ASN A 203 8.20 -24.57 21.92
C ASN A 203 8.37 -25.71 20.93
N ILE A 204 8.78 -25.38 19.71
CA ILE A 204 9.06 -26.36 18.66
C ILE A 204 10.42 -26.03 18.06
N SER A 205 10.92 -26.92 17.20
CA SER A 205 12.25 -26.73 16.63
C SER A 205 12.36 -25.39 15.92
N LEU A 206 11.31 -25.00 15.19
CA LEU A 206 11.30 -23.77 14.42
C LEU A 206 11.25 -22.53 15.30
N GLY A 207 10.82 -22.66 16.55
CA GLY A 207 10.57 -21.53 17.41
C GLY A 207 9.37 -21.74 18.30
N THR A 208 8.31 -20.96 18.10
CA THR A 208 7.09 -21.02 18.91
C THR A 208 5.89 -21.28 18.03
N ALA A 209 5.06 -22.24 18.42
CA ALA A 209 3.75 -22.44 17.80
C ALA A 209 2.68 -21.79 18.67
N ILE A 210 1.80 -21.01 18.04
CA ILE A 210 0.65 -20.40 18.70
C ILE A 210 -0.58 -21.21 18.31
N PHE A 211 -1.15 -21.95 19.26
CA PHE A 211 -2.36 -22.71 19.04
C PHE A 211 -3.56 -22.03 19.66
N TRP A 212 -4.64 -21.92 18.90
CA TRP A 212 -5.95 -21.65 19.48
C TRP A 212 -6.40 -22.93 20.18
N ARG A 213 -6.94 -22.79 21.39
CA ARG A 213 -7.32 -23.95 22.19
C ARG A 213 -8.71 -23.76 22.75
N GLU A 214 -9.56 -24.77 22.53
CA GLU A 214 -10.88 -24.82 23.15
C GLU A 214 -11.12 -26.27 23.59
N LYS A 215 -12.30 -26.53 24.13
CA LYS A 215 -12.57 -27.88 24.65
C LYS A 215 -12.39 -28.94 23.59
N LYS A 216 -12.88 -28.70 22.37
CA LYS A 216 -12.82 -29.74 21.34
C LYS A 216 -11.41 -29.91 20.74
N GLY A 217 -10.51 -28.98 20.95
CA GLY A 217 -9.13 -29.25 20.53
C GLY A 217 -8.37 -27.99 20.17
N TYR A 218 -7.42 -28.16 19.27
CA TYR A 218 -6.44 -27.13 18.94
C TYR A 218 -6.48 -26.77 17.46
N ASP A 219 -6.02 -25.55 17.16
CA ASP A 219 -5.85 -25.12 15.77
C ASP A 219 -4.65 -24.20 15.71
N LEU A 220 -3.67 -24.54 14.87
CA LEU A 220 -2.48 -23.73 14.73
C LEU A 220 -2.82 -22.39 14.06
N ILE A 221 -2.55 -21.29 14.76
CA ILE A 221 -2.76 -19.96 14.20
C ILE A 221 -1.48 -19.42 13.58
N GLY A 222 -0.34 -19.61 14.24
CA GLY A 222 0.90 -19.04 13.73
C GLY A 222 2.12 -19.71 14.33
N VAL A 223 3.21 -19.62 13.59
CA VAL A 223 4.53 -20.08 14.02
C VAL A 223 5.45 -18.87 14.03
N LEU A 224 6.21 -18.70 15.11
CA LEU A 224 7.19 -17.62 15.24
C LEU A 224 8.57 -18.24 15.10
N GLY A 225 9.22 -17.96 13.97
CA GLY A 225 10.53 -18.54 13.72
C GLY A 225 11.59 -17.94 14.62
N GLY A 226 12.40 -18.79 15.25
CA GLY A 226 13.58 -18.33 15.95
C GLY A 226 13.36 -17.69 17.30
N VAL A 227 12.17 -17.80 17.87
CA VAL A 227 11.85 -17.25 19.20
CA VAL A 227 11.91 -17.28 19.21
C VAL A 227 11.21 -18.35 20.03
N SER A 228 11.60 -18.44 21.31
CA SER A 228 11.11 -19.47 22.21
C SER A 228 10.82 -18.84 23.57
N ASP A 229 10.09 -19.59 24.40
CA ASP A 229 9.94 -19.27 25.82
C ASP A 229 9.19 -17.94 26.03
N LEU A 230 8.23 -17.66 25.17
CA LEU A 230 7.40 -16.48 25.33
C LEU A 230 6.29 -16.76 26.33
N SER A 231 5.56 -15.70 26.69
CA SER A 231 4.44 -15.78 27.60
C SER A 231 3.24 -15.07 26.98
N LEU A 232 2.07 -15.71 27.06
CA LEU A 232 0.83 -15.05 26.62
C LEU A 232 0.46 -13.85 27.49
N LYS A 233 1.12 -13.67 28.63
CA LYS A 233 0.93 -12.47 29.45
C LYS A 233 1.80 -11.32 28.99
N GLY A 234 2.69 -11.54 28.02
CA GLY A 234 3.57 -10.47 27.57
C GLY A 234 2.82 -9.38 26.85
N ASP A 235 3.33 -8.15 26.99
CA ASP A 235 2.70 -7.01 26.32
CA ASP A 235 2.70 -7.01 26.32
C ASP A 235 2.89 -7.04 24.81
N TYR A 236 3.70 -7.95 24.29
CA TYR A 236 3.86 -8.14 22.85
C TYR A 236 2.74 -8.97 22.23
N PHE A 237 1.77 -9.41 23.03
CA PHE A 237 0.51 -9.94 22.53
C PHE A 237 -0.59 -8.93 22.82
N GLU A 238 -1.39 -8.61 21.80
CA GLU A 238 -2.54 -7.73 21.97
CA GLU A 238 -2.55 -7.74 21.96
C GLU A 238 -3.80 -8.55 21.64
N PHE A 239 -4.64 -8.75 22.64
CA PHE A 239 -5.86 -9.53 22.50
C PHE A 239 -7.03 -8.61 22.23
N LYS A 240 -7.89 -9.01 21.31
CA LYS A 240 -8.93 -8.12 20.80
C LYS A 240 -10.34 -8.51 21.24
N GLY A 241 -10.49 -9.56 22.05
CA GLY A 241 -11.81 -9.93 22.51
C GLY A 241 -12.68 -10.48 21.39
N ASN A 242 -14.00 -10.33 21.57
CA ASN A 242 -14.99 -10.94 20.71
CA ASN A 242 -14.95 -10.93 20.65
C ASN A 242 -16.03 -9.95 20.19
N THR A 243 -15.88 -8.66 20.46
CA THR A 243 -16.93 -7.69 20.20
CA THR A 243 -16.93 -7.68 20.23
C THR A 243 -16.39 -6.56 19.33
N ALA A 244 -17.15 -6.23 18.29
CA ALA A 244 -16.78 -5.16 17.38
C ALA A 244 -16.57 -3.85 18.12
N PRO A 245 -15.65 -3.01 17.65
CA PRO A 245 -15.43 -1.72 18.30
C PRO A 245 -16.69 -0.87 18.33
N LYS A 246 -16.84 -0.11 19.42
CA LYS A 246 -17.91 0.87 19.52
CA LYS A 246 -17.92 0.85 19.50
C LYS A 246 -17.78 1.91 18.42
N THR A 247 -18.92 2.32 17.85
CA THR A 247 -18.91 3.25 16.73
C THR A 247 -18.60 4.67 17.16
N VAL A 248 -17.74 5.34 16.38
CA VAL A 248 -17.52 6.78 16.49
C VAL A 248 -17.79 7.40 15.12
N LEU A 249 -17.84 8.74 15.11
CA LEU A 249 -17.98 9.51 13.87
C LEU A 249 -19.15 9.01 13.01
N LYS A 250 -20.35 9.02 13.62
CA LYS A 250 -21.55 8.64 12.92
C LYS A 250 -21.90 9.65 11.82
N THR A 251 -21.21 10.79 11.79
CA THR A 251 -21.31 11.74 10.70
C THR A 251 -20.66 11.26 9.41
N ALA A 252 -19.81 10.23 9.48
CA ALA A 252 -19.13 9.74 8.28
C ALA A 252 -20.04 8.83 7.47
N GLU A 253 -19.75 8.74 6.18
CA GLU A 253 -20.29 7.67 5.34
C GLU A 253 -19.44 6.41 5.52
N HIS A 254 -20.07 5.32 5.93
CA HIS A 254 -19.39 4.04 6.13
C HIS A 254 -19.62 3.15 4.91
N ILE A 255 -18.53 2.57 4.40
CA ILE A 255 -18.59 1.62 3.30
C ILE A 255 -17.85 0.34 3.74
N GLY A 256 -18.55 -0.78 3.81
CA GLY A 256 -17.87 -1.99 4.21
C GLY A 256 -18.66 -3.26 4.00
N THR A 257 -17.90 -4.34 3.81
CA THR A 257 -18.38 -5.71 3.76
C THR A 257 -17.63 -6.52 4.80
N ALA A 258 -17.97 -7.80 4.90
CA ALA A 258 -17.24 -8.73 5.76
C ALA A 258 -15.77 -8.88 5.37
N ALA A 259 -15.39 -8.54 4.15
CA ALA A 259 -14.03 -8.73 3.66
C ALA A 259 -13.22 -7.43 3.84
N ASN A 260 -11.99 -7.41 3.33
CA ASN A 260 -11.21 -6.17 3.37
CA ASN A 260 -11.18 -6.18 3.36
C ASN A 260 -11.71 -5.21 2.31
N ASP A 261 -12.09 -4.00 2.72
CA ASP A 261 -12.58 -2.98 1.80
C ASP A 261 -11.77 -1.71 1.95
N TYR A 262 -11.32 -1.15 0.83
CA TYR A 262 -10.47 0.04 0.82
C TYR A 262 -10.98 1.07 -0.16
N ILE A 263 -11.07 2.33 0.30
CA ILE A 263 -11.07 3.49 -0.58
C ILE A 263 -9.63 3.88 -0.77
N PHE A 264 -9.22 4.01 -2.03
CA PHE A 264 -7.89 4.48 -2.37
C PHE A 264 -7.88 5.83 -3.08
N SER A 265 -9.02 6.28 -3.60
CA SER A 265 -9.04 7.52 -4.38
C SER A 265 -10.45 8.09 -4.37
N SER A 266 -10.55 9.30 -4.89
CA SER A 266 -11.82 10.02 -4.95
C SER A 266 -11.72 11.12 -5.99
N THR A 267 -12.88 11.62 -6.43
CA THR A 267 -12.92 12.76 -7.35
C THR A 267 -14.31 13.39 -7.26
N VAL A 268 -14.48 14.50 -7.97
CA VAL A 268 -15.76 15.17 -8.08
CA VAL A 268 -15.75 15.21 -8.06
C VAL A 268 -15.98 15.60 -9.51
N ASP A 269 -17.25 15.62 -9.93
CA ASP A 269 -17.58 16.04 -11.28
C ASP A 269 -18.02 17.51 -11.27
N ALA A 270 -18.41 18.02 -12.46
CA ALA A 270 -18.72 19.44 -12.59
C ALA A 270 -20.01 19.82 -11.89
N LYS A 271 -20.86 18.86 -11.57
CA LYS A 271 -22.12 19.10 -10.86
C LYS A 271 -21.99 18.94 -9.35
N GLY A 272 -20.80 18.62 -8.86
CA GLY A 272 -20.61 18.45 -7.44
C GLY A 272 -20.89 17.06 -6.92
N ASN A 273 -21.17 16.09 -7.79
CA ASN A 273 -21.25 14.72 -7.33
C ASN A 273 -19.86 14.24 -6.90
N PHE A 274 -19.84 13.45 -5.83
CA PHE A 274 -18.63 12.99 -5.18
C PHE A 274 -18.47 11.50 -5.44
N TYR A 275 -17.26 11.09 -5.83
CA TYR A 275 -16.98 9.70 -6.16
C TYR A 275 -15.83 9.18 -5.31
N VAL A 276 -15.92 7.91 -4.91
CA VAL A 276 -14.84 7.21 -4.22
C VAL A 276 -14.65 5.88 -4.93
N GLY A 277 -13.49 5.26 -4.67
CA GLY A 277 -13.28 3.92 -5.20
C GLY A 277 -12.01 3.32 -4.63
N GLY A 278 -11.82 2.04 -4.94
CA GLY A 278 -10.64 1.35 -4.43
C GLY A 278 -10.65 -0.13 -4.74
N GLY A 279 -10.39 -0.94 -3.72
CA GLY A 279 -10.39 -2.38 -3.88
C GLY A 279 -11.22 -3.03 -2.78
N THR A 280 -11.73 -4.23 -3.07
CA THR A 280 -12.49 -4.98 -2.09
C THR A 280 -12.29 -6.48 -2.27
N GLY A 281 -12.14 -7.19 -1.15
CA GLY A 281 -12.20 -8.64 -1.15
C GLY A 281 -13.59 -9.22 -1.06
N GLY A 282 -14.61 -8.35 -1.01
CA GLY A 282 -15.98 -8.79 -0.88
C GLY A 282 -16.85 -8.39 -2.05
N SER A 283 -18.15 -8.37 -1.82
CA SER A 283 -19.16 -8.02 -2.82
C SER A 283 -19.70 -6.66 -2.39
N LEU A 284 -19.02 -5.60 -2.84
CA LEU A 284 -19.29 -4.25 -2.39
CA LEU A 284 -19.30 -4.25 -2.40
C LEU A 284 -20.17 -3.50 -3.40
N GLY A 285 -19.69 -3.32 -4.63
CA GLY A 285 -20.49 -2.73 -5.68
C GLY A 285 -21.22 -3.73 -6.55
N GLY A 286 -20.97 -5.02 -6.32
CA GLY A 286 -21.52 -6.11 -7.09
C GLY A 286 -20.92 -7.40 -6.56
N ARG A 287 -21.32 -8.51 -7.16
CA ARG A 287 -20.84 -9.81 -6.69
CA ARG A 287 -20.84 -9.81 -6.69
C ARG A 287 -19.35 -9.97 -6.96
N ASN A 288 -18.61 -10.41 -5.96
CA ASN A 288 -17.16 -10.56 -6.10
C ASN A 288 -16.83 -11.52 -7.25
N ILE A 289 -15.87 -11.12 -8.07
CA ILE A 289 -15.46 -11.90 -9.24
C ILE A 289 -14.37 -12.90 -8.88
N GLY A 290 -13.52 -12.56 -7.92
CA GLY A 290 -12.48 -13.43 -7.43
C GLY A 290 -11.41 -12.58 -6.77
N ALA A 291 -10.94 -13.00 -5.60
CA ALA A 291 -9.91 -12.26 -4.86
C ALA A 291 -10.33 -10.79 -4.70
N ARG A 292 -9.40 -9.86 -4.83
CA ARG A 292 -9.76 -8.45 -4.77
C ARG A 292 -10.28 -8.00 -6.13
N ASP A 293 -11.33 -7.17 -6.10
CA ASP A 293 -11.86 -6.49 -7.29
C ASP A 293 -11.75 -4.98 -7.09
N ALA A 294 -11.84 -4.27 -8.21
CA ALA A 294 -11.93 -2.81 -8.18
C ALA A 294 -13.37 -2.39 -7.99
N TRP A 295 -13.59 -1.23 -7.38
CA TRP A 295 -14.95 -0.74 -7.21
C TRP A 295 -14.93 0.78 -7.17
N LEU A 296 -16.10 1.36 -7.45
CA LEU A 296 -16.28 2.81 -7.32
C LEU A 296 -17.75 3.09 -7.02
N ALA A 297 -18.01 4.29 -6.49
CA ALA A 297 -19.37 4.69 -6.16
C ALA A 297 -19.54 6.19 -6.35
N LYS A 298 -20.77 6.59 -6.63
CA LYS A 298 -21.17 7.97 -6.85
C LYS A 298 -22.15 8.40 -5.76
N TYR A 299 -21.92 9.61 -5.22
CA TYR A 299 -22.81 10.26 -4.28
C TYR A 299 -23.26 11.61 -4.85
N ASP A 300 -24.52 11.98 -4.60
CA ASP A 300 -24.90 13.35 -4.91
C ASP A 300 -24.35 14.30 -3.83
N SER A 301 -24.50 15.60 -4.07
CA SER A 301 -23.93 16.56 -3.13
C SER A 301 -24.64 16.59 -1.78
N ASN A 302 -25.81 15.97 -1.67
CA ASN A 302 -26.49 15.83 -0.39
C ASN A 302 -26.10 14.56 0.33
N GLY A 303 -25.18 13.77 -0.22
CA GLY A 303 -24.68 12.59 0.44
C GLY A 303 -25.42 11.31 0.16
N ASN A 304 -26.37 11.31 -0.77
CA ASN A 304 -27.08 10.09 -1.13
C ASN A 304 -26.29 9.30 -2.17
N GLN A 305 -26.14 8.01 -1.94
CA GLN A 305 -25.43 7.20 -2.92
C GLN A 305 -26.31 6.99 -4.14
N ARG A 306 -25.76 7.27 -5.31
CA ARG A 306 -26.49 7.11 -6.56
CA ARG A 306 -26.50 7.11 -6.55
C ARG A 306 -26.29 5.74 -7.17
N TRP A 307 -25.07 5.21 -7.07
CA TRP A 307 -24.77 3.87 -7.59
C TRP A 307 -23.41 3.44 -7.09
N SER A 308 -23.18 2.13 -7.13
CA SER A 308 -21.86 1.55 -6.90
C SER A 308 -21.63 0.51 -7.98
N ARG A 309 -20.38 0.35 -8.38
CA ARG A 309 -20.00 -0.56 -9.45
C ARG A 309 -18.75 -1.32 -9.03
N GLN A 310 -18.62 -2.56 -9.50
CA GLN A 310 -17.50 -3.40 -9.15
C GLN A 310 -17.08 -4.12 -10.43
N PHE A 311 -15.77 -4.23 -10.65
CA PHE A 311 -15.29 -4.78 -11.90
C PHE A 311 -13.90 -5.38 -11.71
N GLY A 312 -13.49 -6.19 -12.67
CA GLY A 312 -12.17 -6.80 -12.62
C GLY A 312 -12.13 -8.15 -13.27
N SER A 313 -11.50 -9.10 -12.58
CA SER A 313 -11.21 -10.42 -13.12
C SER A 313 -11.19 -11.39 -11.95
N THR A 314 -10.98 -12.66 -12.26
CA THR A 314 -10.79 -13.64 -11.20
C THR A 314 -9.46 -13.45 -10.47
N GLY A 315 -8.55 -12.66 -11.03
CA GLY A 315 -7.33 -12.27 -10.37
C GLY A 315 -7.54 -11.04 -9.49
N THR A 316 -6.45 -10.32 -9.23
CA THR A 316 -6.47 -9.20 -8.31
C THR A 316 -6.38 -7.89 -9.07
N GLU A 317 -7.21 -6.92 -8.71
CA GLU A 317 -7.08 -5.58 -9.23
C GLU A 317 -7.66 -4.60 -8.22
N SER A 318 -7.27 -3.33 -8.36
CA SER A 318 -7.76 -2.24 -7.55
C SER A 318 -7.93 -1.03 -8.43
N LEU A 319 -8.84 -0.14 -8.01
CA LEU A 319 -8.82 1.24 -8.48
C LEU A 319 -7.87 1.98 -7.55
N TRP A 320 -6.77 2.50 -8.11
CA TRP A 320 -5.82 3.29 -7.33
C TRP A 320 -5.94 4.78 -7.56
N GLY A 321 -6.44 5.19 -8.72
CA GLY A 321 -6.65 6.60 -9.00
C GLY A 321 -7.93 6.81 -9.78
N MET A 322 -8.52 8.00 -9.62
CA MET A 322 -9.68 8.37 -10.41
C MET A 322 -9.72 9.89 -10.58
N ALA A 323 -10.31 10.32 -11.69
CA ALA A 323 -10.36 11.72 -12.06
C ALA A 323 -11.52 11.88 -13.02
N SER A 324 -11.96 13.11 -13.24
CA SER A 324 -13.12 13.35 -14.06
C SER A 324 -12.81 14.41 -15.12
N ASP A 325 -13.47 14.28 -16.26
CA ASP A 325 -13.46 15.34 -17.27
C ASP A 325 -14.60 16.34 -17.06
N GLY A 326 -15.29 16.27 -15.93
CA GLY A 326 -16.48 17.04 -15.65
C GLY A 326 -17.73 16.20 -15.66
N SER A 327 -17.75 15.13 -16.45
CA SER A 327 -18.90 14.25 -16.57
C SER A 327 -18.53 12.80 -16.38
N ASN A 328 -17.62 12.31 -17.22
CA ASN A 328 -17.15 10.95 -17.12
C ASN A 328 -16.12 10.81 -16.00
N ILE A 329 -15.97 9.58 -15.53
CA ILE A 329 -15.02 9.26 -14.48
CA ILE A 329 -15.03 9.24 -14.47
C ILE A 329 -14.01 8.29 -15.06
N TYR A 330 -12.74 8.70 -15.07
CA TYR A 330 -11.65 7.84 -15.52
C TYR A 330 -10.97 7.24 -14.30
N VAL A 331 -10.62 5.96 -14.40
CA VAL A 331 -10.09 5.22 -13.27
C VAL A 331 -8.87 4.44 -13.72
N ALA A 332 -7.92 4.28 -12.82
CA ALA A 332 -6.66 3.62 -13.18
C ALA A 332 -6.20 2.72 -12.04
N GLY A 333 -5.52 1.64 -12.41
CA GLY A 333 -4.91 0.78 -11.41
C GLY A 333 -4.10 -0.31 -12.06
N ASN A 334 -3.96 -1.43 -11.36
CA ASN A 334 -3.24 -2.59 -11.86
C ASN A 334 -4.16 -3.81 -11.84
N THR A 335 -3.72 -4.88 -12.50
CA THR A 335 -4.41 -6.16 -12.43
C THR A 335 -3.37 -7.27 -12.55
N THR A 336 -3.68 -8.41 -11.93
CA THR A 336 -2.92 -9.63 -12.15
C THR A 336 -3.58 -10.54 -13.15
N GLY A 337 -4.78 -10.18 -13.62
CA GLY A 337 -5.56 -11.04 -14.49
C GLY A 337 -5.78 -10.45 -15.86
N GLN A 338 -6.84 -10.89 -16.53
CA GLN A 338 -7.21 -10.41 -17.85
C GLN A 338 -8.56 -9.70 -17.72
N LEU A 339 -8.56 -8.39 -17.95
CA LEU A 339 -9.79 -7.64 -17.82
C LEU A 339 -10.68 -7.87 -19.04
N GLU A 340 -11.96 -7.50 -18.92
CA GLU A 340 -12.92 -7.73 -19.99
C GLU A 340 -12.48 -7.02 -21.27
N ASN A 341 -12.65 -7.69 -22.41
CA ASN A 341 -12.30 -7.15 -23.74
C ASN A 341 -10.83 -6.77 -23.87
N ASN A 342 -9.96 -7.48 -23.15
CA ASN A 342 -8.54 -7.21 -23.18
C ASN A 342 -7.74 -8.49 -23.23
N THR A 343 -6.45 -8.33 -23.53
CA THR A 343 -5.49 -9.41 -23.50
CA THR A 343 -5.48 -9.42 -23.52
C THR A 343 -4.37 -9.08 -22.52
N VAL A 344 -3.90 -10.09 -21.81
CA VAL A 344 -2.80 -9.91 -20.87
C VAL A 344 -1.50 -9.68 -21.63
N LYS A 345 -0.64 -8.82 -21.09
CA LYS A 345 0.67 -8.60 -21.67
C LYS A 345 1.77 -9.37 -20.95
N GLY A 346 1.51 -9.80 -19.71
CA GLY A 346 2.43 -10.64 -18.97
C GLY A 346 2.58 -10.19 -17.54
N GLY A 347 2.49 -11.12 -16.59
CA GLY A 347 2.54 -10.71 -15.21
C GLY A 347 1.46 -9.69 -14.89
N ASN A 348 1.77 -8.78 -13.98
CA ASN A 348 0.83 -7.71 -13.66
C ASN A 348 0.88 -6.64 -14.74
N ASP A 349 -0.28 -6.08 -15.05
CA ASP A 349 -0.41 -5.04 -16.07
C ASP A 349 -1.10 -3.83 -15.44
N ALA A 350 -0.99 -2.70 -16.11
CA ALA A 350 -1.75 -1.50 -15.75
C ALA A 350 -3.06 -1.48 -16.53
N TYR A 351 -4.00 -0.65 -16.08
CA TYR A 351 -5.22 -0.43 -16.84
C TYR A 351 -5.73 0.98 -16.62
N LEU A 352 -6.49 1.45 -17.60
CA LEU A 352 -7.26 2.68 -17.55
C LEU A 352 -8.68 2.29 -17.95
N ALA A 353 -9.67 2.79 -17.23
CA ALA A 353 -11.06 2.56 -17.61
C ALA A 353 -11.85 3.86 -17.55
N LYS A 354 -12.98 3.86 -18.25
CA LYS A 354 -13.86 5.03 -18.33
C LYS A 354 -15.27 4.62 -17.92
N TYR A 355 -15.83 5.34 -16.95
CA TYR A 355 -17.21 5.20 -16.53
C TYR A 355 -17.97 6.48 -16.88
N ASP A 356 -19.22 6.33 -17.33
CA ASP A 356 -20.04 7.52 -17.54
C ASP A 356 -20.72 7.91 -16.22
N SER A 357 -21.43 9.03 -16.24
CA SER A 357 -22.03 9.56 -15.03
CA SER A 357 -22.06 9.58 -15.05
C SER A 357 -23.11 8.65 -14.48
N ASP A 358 -23.66 7.74 -15.29
CA ASP A 358 -24.69 6.81 -14.86
C ASP A 358 -24.13 5.47 -14.39
N GLY A 359 -22.81 5.33 -14.35
CA GLY A 359 -22.21 4.10 -13.88
C GLY A 359 -21.96 3.06 -14.95
N ASN A 360 -22.20 3.38 -16.21
CA ASN A 360 -21.92 2.44 -17.28
C ASN A 360 -20.43 2.39 -17.58
N GLN A 361 -19.87 1.19 -17.63
CA GLN A 361 -18.46 1.04 -18.00
C GLN A 361 -18.34 1.24 -19.50
N VAL A 362 -17.65 2.30 -19.91
CA VAL A 362 -17.57 2.63 -21.32
C VAL A 362 -16.50 1.79 -22.02
N TRP A 363 -15.32 1.68 -21.42
CA TRP A 363 -14.26 0.83 -21.93
C TRP A 363 -13.21 0.61 -20.85
N ILE A 364 -12.37 -0.40 -21.07
CA ILE A 364 -11.16 -0.65 -20.28
C ILE A 364 -10.03 -0.90 -21.26
N LYS A 365 -8.88 -0.30 -20.99
CA LYS A 365 -7.66 -0.58 -21.75
C LYS A 365 -6.60 -1.11 -20.80
N GLN A 366 -6.19 -2.36 -21.02
CA GLN A 366 -5.13 -2.99 -20.25
C GLN A 366 -3.82 -2.85 -21.04
N ASN A 367 -2.78 -2.36 -20.37
CA ASN A 367 -1.53 -2.09 -21.08
C ASN A 367 -0.35 -2.52 -20.23
N GLY A 368 0.76 -2.84 -20.88
CA GLY A 368 1.96 -3.20 -20.15
C GLY A 368 2.95 -3.97 -21.00
N THR A 369 3.87 -4.64 -20.31
CA THR A 369 4.91 -5.46 -20.89
C THR A 369 4.82 -6.88 -20.34
N TYR A 370 5.71 -7.73 -20.82
CA TYR A 370 5.83 -9.11 -20.35
C TYR A 370 6.09 -9.21 -18.85
N THR A 371 6.58 -8.14 -18.22
CA THR A 371 6.92 -8.18 -16.80
C THR A 371 6.04 -7.21 -16.00
N LEU A 372 6.43 -6.89 -14.76
CA LEU A 372 5.51 -6.19 -13.87
C LEU A 372 5.35 -4.71 -14.22
N GLU A 373 4.09 -4.27 -14.32
CA GLU A 373 3.72 -2.86 -14.24
C GLU A 373 2.93 -2.65 -12.97
N GLU A 374 3.08 -1.46 -12.39
CA GLU A 374 2.16 -0.96 -11.39
C GLU A 374 1.75 0.45 -11.81
N SER A 375 0.58 0.89 -11.34
CA SER A 375 0.06 2.21 -11.70
C SER A 375 -0.87 2.68 -10.61
N TYR A 376 -0.54 3.82 -10.00
CA TYR A 376 -1.32 4.32 -8.89
C TYR A 376 -1.95 5.68 -9.14
N LYS A 377 -1.77 6.27 -10.33
CA LYS A 377 -2.03 7.69 -10.53
C LYS A 377 -2.67 7.95 -11.88
N ILE A 378 -3.54 8.96 -11.92
CA ILE A 378 -4.22 9.38 -13.13
C ILE A 378 -4.54 10.86 -13.00
N THR A 379 -4.57 11.56 -14.14
CA THR A 379 -4.99 12.95 -14.20
C THR A 379 -5.69 13.20 -15.53
N VAL A 380 -6.57 14.19 -15.55
CA VAL A 380 -7.31 14.54 -16.76
C VAL A 380 -7.10 16.03 -17.00
N ASP A 381 -6.74 16.40 -18.24
CA ASP A 381 -6.52 17.80 -18.54
C ASP A 381 -7.82 18.50 -18.94
N SER A 382 -7.73 19.81 -19.13
CA SER A 382 -8.93 20.59 -19.44
C SER A 382 -9.45 20.34 -20.84
N SER A 383 -8.68 19.68 -21.68
CA SER A 383 -9.09 19.28 -23.02
C SER A 383 -9.74 17.91 -23.04
N GLY A 384 -9.79 17.23 -21.90
CA GLY A 384 -10.40 15.93 -21.83
C GLY A 384 -9.47 14.76 -22.08
N ASN A 385 -8.20 15.01 -22.35
CA ASN A 385 -7.23 13.91 -22.44
C ASN A 385 -6.84 13.41 -21.06
N ILE A 386 -6.32 12.19 -21.04
CA ILE A 386 -6.11 11.45 -19.80
C ILE A 386 -4.67 10.99 -19.75
N TYR A 387 -4.03 11.12 -18.59
CA TYR A 387 -2.68 10.63 -18.41
C TYR A 387 -2.67 9.67 -17.24
N THR A 388 -2.06 8.51 -17.44
CA THR A 388 -1.78 7.61 -16.33
C THR A 388 -0.29 7.64 -16.07
N ALA A 389 0.11 7.17 -14.89
CA ALA A 389 1.52 7.05 -14.58
C ALA A 389 1.72 5.81 -13.72
N GLY A 390 2.94 5.32 -13.72
CA GLY A 390 3.24 4.10 -12.99
C GLY A 390 4.70 3.76 -13.11
N ALA A 391 5.01 2.51 -12.83
CA ALA A 391 6.37 2.00 -12.89
C ALA A 391 6.37 0.67 -13.63
N THR A 392 7.49 0.36 -14.27
CA THR A 392 7.59 -0.87 -15.04
C THR A 392 8.98 -1.48 -14.92
N PHE A 393 9.02 -2.80 -14.81
CA PHE A 393 10.27 -3.54 -14.92
C PHE A 393 10.66 -3.80 -16.38
N GLY A 394 9.82 -3.41 -17.33
CA GLY A 394 10.05 -3.70 -18.72
C GLY A 394 10.38 -2.48 -19.53
N SER A 395 10.18 -2.59 -20.84
CA SER A 395 10.50 -1.54 -21.81
C SER A 395 9.19 -1.08 -22.42
N LEU A 396 8.48 -0.22 -21.69
CA LEU A 396 7.13 0.19 -22.05
C LEU A 396 7.14 1.43 -22.93
N GLY A 397 7.81 2.50 -22.49
CA GLY A 397 7.93 3.71 -23.28
C GLY A 397 9.25 3.80 -24.01
N GLY A 398 10.15 2.86 -23.74
CA GLY A 398 11.47 2.81 -24.33
C GLY A 398 12.26 1.76 -23.58
N PRO A 399 13.53 1.55 -23.93
CA PRO A 399 14.32 0.52 -23.23
C PRO A 399 14.44 0.84 -21.74
N ASN A 400 14.22 -0.18 -20.90
CA ASN A 400 14.45 0.01 -19.48
C ASN A 400 15.91 0.38 -19.25
N GLN A 401 16.16 1.24 -18.24
CA GLN A 401 17.53 1.65 -17.94
C GLN A 401 18.38 0.45 -17.52
N ASN A 402 17.77 -0.58 -16.97
CA ASN A 402 18.45 -1.81 -16.54
C ASN A 402 17.89 -2.93 -17.38
N LEU A 403 18.54 -3.21 -18.51
CA LEU A 403 17.93 -4.01 -19.57
C LEU A 403 18.19 -5.50 -19.41
N GLU A 404 19.43 -5.87 -19.14
CA GLU A 404 19.83 -7.26 -18.97
C GLU A 404 20.96 -7.29 -17.96
N GLN A 405 21.41 -8.48 -17.59
CA GLN A 405 22.50 -8.61 -16.64
C GLN A 405 23.85 -8.56 -17.36
N GLY A 406 24.72 -7.68 -16.90
CA GLY A 406 26.07 -7.57 -17.39
C GLY A 406 27.06 -8.18 -16.42
N GLU A 407 28.33 -7.79 -16.59
CA GLU A 407 29.37 -8.30 -15.70
C GLU A 407 29.17 -7.84 -14.27
N VAL A 408 28.55 -6.67 -14.07
CA VAL A 408 28.20 -6.19 -12.75
C VAL A 408 26.69 -6.37 -12.59
N PHE A 409 26.30 -7.31 -11.74
CA PHE A 409 24.88 -7.58 -11.54
C PHE A 409 24.19 -6.37 -10.93
N GLU A 410 23.02 -6.05 -11.46
CA GLU A 410 22.16 -5.00 -10.93
C GLU A 410 20.76 -5.59 -10.88
N LEU A 411 20.20 -5.66 -9.68
CA LEU A 411 18.91 -6.29 -9.48
C LEU A 411 17.88 -5.68 -10.44
N PRO A 412 17.03 -6.50 -11.07
CA PRO A 412 15.97 -5.95 -11.93
C PRO A 412 15.24 -4.84 -11.19
N SER A 413 14.91 -3.78 -11.94
CA SER A 413 14.41 -2.56 -11.31
C SER A 413 13.43 -1.84 -12.22
N THR A 414 12.62 -1.01 -11.59
CA THR A 414 11.62 -0.23 -12.31
C THR A 414 12.17 1.08 -12.85
N ASP A 415 11.53 1.54 -13.91
CA ASP A 415 11.58 2.92 -14.38
C ASP A 415 10.18 3.50 -14.21
N GLY A 416 10.09 4.84 -14.17
CA GLY A 416 8.79 5.48 -14.20
C GLY A 416 8.26 5.63 -15.63
N TYR A 417 6.94 5.70 -15.76
CA TYR A 417 6.35 5.98 -17.06
C TYR A 417 5.15 6.90 -16.90
N VAL A 418 4.81 7.57 -18.00
CA VAL A 418 3.59 8.34 -18.14
C VAL A 418 3.01 7.97 -19.49
N ALA A 419 1.70 7.73 -19.55
CA ALA A 419 1.02 7.42 -20.78
C ALA A 419 -0.12 8.41 -20.99
N LYS A 420 -0.26 8.93 -22.21
CA LYS A 420 -1.31 9.86 -22.58
C LYS A 420 -2.34 9.17 -23.48
N PHE A 421 -3.62 9.42 -23.20
CA PHE A 421 -4.73 8.81 -23.93
C PHE A 421 -5.73 9.88 -24.35
N ASP A 422 -6.45 9.62 -25.44
CA ASP A 422 -7.61 10.43 -25.76
C ASP A 422 -8.86 9.89 -25.07
N SER A 423 -10.00 10.57 -25.27
CA SER A 423 -11.23 10.22 -24.56
C SER A 423 -11.81 8.89 -25.01
N ASN A 424 -11.33 8.33 -26.11
CA ASN A 424 -11.73 6.99 -26.54
C ASN A 424 -10.74 5.93 -26.09
N GLY A 425 -9.74 6.30 -25.28
CA GLY A 425 -8.80 5.33 -24.79
C GLY A 425 -7.69 4.98 -25.76
N ASN A 426 -7.56 5.71 -26.86
CA ASN A 426 -6.42 5.50 -27.74
C ASN A 426 -5.17 6.07 -27.11
N GLN A 427 -4.09 5.30 -27.12
CA GLN A 427 -2.83 5.76 -26.54
C GLN A 427 -2.13 6.70 -27.51
N LEU A 428 -1.88 7.93 -27.05
CA LEU A 428 -1.21 8.91 -27.89
C LEU A 428 0.31 8.82 -27.80
N TRP A 429 0.83 8.55 -26.61
CA TRP A 429 2.25 8.28 -26.42
C TRP A 429 2.47 7.71 -25.04
N VAL A 430 3.66 7.13 -24.86
CA VAL A 430 4.14 6.65 -23.56
CA VAL A 430 4.12 6.68 -23.55
C VAL A 430 5.59 7.07 -23.40
N ALA A 431 5.91 7.70 -22.28
CA ALA A 431 7.25 8.14 -21.96
C ALA A 431 7.77 7.32 -20.80
N GLN A 432 9.06 6.96 -20.83
CA GLN A 432 9.66 6.17 -19.76
C GLN A 432 11.02 6.76 -19.43
N PHE A 433 11.37 6.76 -18.14
CA PHE A 433 12.57 7.47 -17.72
C PHE A 433 13.01 6.97 -16.35
N GLY A 434 14.26 7.25 -16.02
CA GLY A 434 14.77 6.93 -14.69
C GLY A 434 16.26 6.66 -14.71
N THR A 435 16.68 5.82 -13.78
CA THR A 435 18.08 5.42 -13.56
C THR A 435 18.18 3.90 -13.64
N ILE A 436 19.41 3.39 -13.52
CA ILE A 436 19.61 1.94 -13.54
C ILE A 436 18.96 1.25 -12.34
N THR A 437 18.68 1.98 -11.27
CA THR A 437 18.13 1.37 -10.07
C THR A 437 16.62 1.66 -9.97
N LEU A 438 16.06 1.51 -8.77
CA LEU A 438 14.63 1.72 -8.54
C LEU A 438 14.23 3.16 -8.81
N ASP A 439 13.23 3.33 -9.69
CA ASP A 439 12.50 4.60 -9.82
C ASP A 439 11.02 4.23 -9.90
N ASP A 440 10.23 4.69 -8.94
CA ASP A 440 8.81 4.43 -8.84
CA ASP A 440 8.81 4.42 -8.99
C ASP A 440 8.03 5.73 -9.10
N ASN A 441 6.78 5.60 -9.49
CA ASN A 441 5.93 6.78 -9.69
C ASN A 441 4.94 6.92 -8.55
N TRP A 442 4.85 8.14 -8.00
CA TRP A 442 3.82 8.53 -7.04
C TRP A 442 3.30 9.92 -7.37
N GLY A 443 2.87 10.12 -8.62
CA GLY A 443 2.20 11.36 -8.96
C GLY A 443 2.14 11.67 -10.43
N VAL A 444 1.01 12.23 -10.88
CA VAL A 444 0.89 12.76 -12.23
C VAL A 444 -0.07 13.95 -12.18
N ALA A 445 0.23 15.01 -12.94
CA ALA A 445 -0.65 16.17 -12.90
C ALA A 445 -0.44 17.02 -14.16
N ALA A 446 -1.52 17.33 -14.84
CA ALA A 446 -1.47 18.18 -16.02
C ALA A 446 -1.57 19.65 -15.63
N ASP A 447 -0.95 20.52 -16.42
CA ASP A 447 -1.18 21.94 -16.30
C ASP A 447 -2.22 22.38 -17.33
N ASN A 448 -2.38 23.69 -17.49
CA ASN A 448 -3.36 24.23 -18.41
C ASN A 448 -2.80 24.49 -19.79
N ASN A 449 -1.51 24.17 -20.00
CA ASN A 449 -0.78 24.59 -21.20
C ASN A 449 -0.22 23.40 -21.98
N GLY A 450 -0.80 22.21 -21.78
CA GLY A 450 -0.43 21.04 -22.54
C GLY A 450 0.69 20.21 -21.96
N ASN A 451 1.26 20.60 -20.83
CA ASN A 451 2.33 19.83 -20.20
C ASN A 451 1.77 18.91 -19.15
N VAL A 452 2.58 17.94 -18.74
CA VAL A 452 2.20 17.05 -17.66
C VAL A 452 3.41 16.80 -16.77
N PHE A 453 3.20 16.82 -15.47
CA PHE A 453 4.24 16.54 -14.50
C PHE A 453 4.07 15.13 -13.97
N ALA A 454 5.20 14.51 -13.62
CA ALA A 454 5.21 13.24 -12.92
C ALA A 454 6.17 13.35 -11.75
N GLY A 455 5.94 12.54 -10.72
CA GLY A 455 6.86 12.54 -9.60
C GLY A 455 6.92 11.16 -8.98
N GLY A 456 7.98 10.92 -8.20
CA GLY A 456 8.06 9.67 -7.46
C GLY A 456 9.34 9.58 -6.66
N ASN A 457 9.77 8.34 -6.42
CA ASN A 457 10.95 8.06 -5.61
C ASN A 457 12.02 7.41 -6.46
N THR A 458 13.28 7.61 -6.07
CA THR A 458 14.39 6.94 -6.71
C THR A 458 15.46 6.59 -5.69
N LYS A 459 16.09 5.43 -5.87
CA LYS A 459 17.30 5.09 -5.13
C LYS A 459 18.56 5.63 -5.79
N GLY A 460 18.44 6.24 -6.97
CA GLY A 460 19.59 6.64 -7.75
C GLY A 460 19.77 8.14 -7.82
N SER A 461 20.54 8.56 -8.81
CA SER A 461 20.83 9.97 -9.09
C SER A 461 20.16 10.29 -10.43
N PHE A 462 18.89 10.65 -10.36
CA PHE A 462 18.05 10.88 -11.54
C PHE A 462 18.09 12.35 -11.96
N GLY A 463 17.68 13.23 -11.06
CA GLY A 463 17.68 14.67 -11.34
C GLY A 463 18.81 15.41 -10.67
N ALA A 464 19.54 14.73 -9.79
CA ALA A 464 20.61 15.33 -9.01
C ALA A 464 21.41 14.19 -8.41
N LYS A 465 22.58 14.53 -7.85
CA LYS A 465 23.37 13.56 -7.11
C LYS A 465 22.64 13.21 -5.81
N ASN A 466 22.39 11.93 -5.61
CA ASN A 466 21.76 11.50 -4.36
C ASN A 466 22.80 11.65 -3.25
N THR A 467 22.45 12.34 -2.16
CA THR A 467 23.38 12.54 -1.05
C THR A 467 23.36 11.41 -0.03
N GLY A 468 22.44 10.47 -0.15
CA GLY A 468 22.52 9.28 0.67
C GLY A 468 23.75 8.47 0.33
N THR A 469 24.30 7.81 1.35
CA THR A 469 25.48 6.97 1.12
C THR A 469 25.14 5.55 0.72
N ALA A 470 23.88 5.15 0.80
CA ALA A 470 23.50 3.75 0.61
C ALA A 470 22.20 3.63 -0.17
N GLY A 471 21.99 4.51 -1.14
CA GLY A 471 20.84 4.38 -2.01
C GLY A 471 19.51 4.65 -1.36
N GLU A 472 19.49 5.41 -0.26
CA GLU A 472 18.22 5.84 0.33
C GLU A 472 17.41 6.65 -0.69
N TYR A 473 16.08 6.59 -0.56
CA TYR A 473 15.22 7.24 -1.54
C TYR A 473 15.40 8.75 -1.50
N ASP A 474 15.30 9.36 -2.68
CA ASP A 474 15.02 10.77 -2.86
C ASP A 474 13.72 10.90 -3.66
N ALA A 475 13.15 12.11 -3.63
CA ALA A 475 12.00 12.45 -4.46
C ALA A 475 12.47 13.01 -5.80
N TRP A 476 11.72 12.74 -6.85
CA TRP A 476 12.00 13.31 -8.17
C TRP A 476 10.72 13.88 -8.78
N LEU A 477 10.91 14.85 -9.68
CA LEU A 477 9.85 15.43 -10.49
C LEU A 477 10.33 15.53 -11.93
N VAL A 478 9.44 15.28 -12.87
CA VAL A 478 9.72 15.44 -14.30
C VAL A 478 8.61 16.29 -14.90
N LYS A 479 8.99 17.22 -15.78
CA LYS A 479 8.02 17.96 -16.60
C LYS A 479 8.12 17.44 -18.03
N LEU A 480 6.98 16.98 -18.56
CA LEU A 480 6.88 16.53 -19.95
C LEU A 480 6.04 17.51 -20.75
N ASN A 481 6.38 17.66 -22.03
CA ASN A 481 5.61 18.51 -22.91
C ASN A 481 4.44 17.74 -23.53
N LYS A 482 3.69 18.41 -24.41
CA LYS A 482 2.49 17.81 -25.00
CA LYS A 482 2.48 17.80 -24.97
C LYS A 482 2.79 16.55 -25.78
N ASP A 483 4.03 16.36 -26.23
CA ASP A 483 4.42 15.21 -27.03
C ASP A 483 5.15 14.16 -26.20
N GLY A 484 5.21 14.31 -24.89
CA GLY A 484 5.86 13.31 -24.07
C GLY A 484 7.35 13.43 -23.99
N GLN A 485 7.92 14.56 -24.42
CA GLN A 485 9.35 14.81 -24.30
C GLN A 485 9.63 15.52 -22.99
N THR A 486 10.76 15.18 -22.36
CA THR A 486 11.09 15.79 -21.08
CA THR A 486 11.14 15.78 -21.09
C THR A 486 11.64 17.20 -21.29
N ASP A 487 11.15 18.13 -20.48
CA ASP A 487 11.72 19.47 -20.40
C ASP A 487 12.71 19.61 -19.27
N TRP A 488 12.51 18.90 -18.17
CA TRP A 488 13.47 18.90 -17.08
C TRP A 488 13.16 17.78 -16.11
N VAL A 489 14.19 17.42 -15.34
CA VAL A 489 14.10 16.44 -14.27
C VAL A 489 14.68 17.10 -13.03
N ARG A 490 13.99 16.97 -11.90
CA ARG A 490 14.48 17.52 -10.64
C ARG A 490 14.49 16.43 -9.58
N GLN A 491 15.40 16.58 -8.62
CA GLN A 491 15.48 15.61 -7.53
C GLN A 491 15.80 16.37 -6.26
N PHE A 492 15.17 15.98 -5.16
CA PHE A 492 15.40 16.64 -3.88
C PHE A 492 15.28 15.62 -2.76
N GLY A 493 15.93 15.91 -1.65
CA GLY A 493 15.92 14.98 -0.55
C GLY A 493 17.00 15.29 0.46
N THR A 494 17.02 14.47 1.50
CA THR A 494 18.05 14.43 2.54
C THR A 494 18.91 13.20 2.31
N PRO A 495 19.98 13.01 3.08
CA PRO A 495 20.72 11.73 3.01
C PRO A 495 19.94 10.53 3.51
N ASN A 496 18.80 10.74 4.18
CA ASN A 496 17.96 9.65 4.65
C ASN A 496 16.88 9.37 3.60
N TYR A 497 15.93 8.49 3.93
CA TYR A 497 14.80 8.25 3.04
C TYR A 497 13.85 9.44 3.02
N ASP A 498 13.48 9.86 1.81
CA ASP A 498 12.39 10.80 1.57
C ASP A 498 11.50 10.13 0.53
N PHE A 499 10.18 10.26 0.72
CA PHE A 499 9.23 9.44 -0.02
C PHE A 499 8.07 10.34 -0.45
N MET A 500 7.84 10.44 -1.76
CA MET A 500 6.72 11.18 -2.32
C MET A 500 5.48 10.30 -2.43
N TRP A 501 4.31 10.87 -2.13
CA TRP A 501 3.05 10.18 -2.34
C TRP A 501 2.17 10.72 -3.46
N ASP A 502 2.15 12.05 -3.69
CA ASP A 502 1.24 12.58 -4.69
C ASP A 502 1.69 13.99 -5.07
N ILE A 503 1.24 14.45 -6.25
CA ILE A 503 1.56 15.77 -6.78
C ILE A 503 0.30 16.38 -7.41
N GLU A 504 0.29 17.72 -7.54
CA GLU A 504 -0.82 18.41 -8.18
C GLU A 504 -0.34 19.80 -8.61
N THR A 505 -0.98 20.33 -9.66
CA THR A 505 -0.65 21.68 -10.14
C THR A 505 -1.68 22.69 -9.63
N ASP A 506 -1.27 23.97 -9.59
CA ASP A 506 -2.20 25.06 -9.31
C ASP A 506 -2.58 25.77 -10.61
N SER A 507 -3.37 26.84 -10.48
CA SER A 507 -3.92 27.52 -11.65
C SER A 507 -2.85 28.23 -12.45
N LEU A 508 -1.68 28.49 -11.87
CA LEU A 508 -0.59 29.11 -12.60
CA LEU A 508 -0.57 29.10 -12.58
C LEU A 508 0.32 28.09 -13.27
N GLY A 509 0.08 26.80 -13.04
CA GLY A 509 0.92 25.76 -13.61
C GLY A 509 2.12 25.38 -12.77
N ASP A 510 2.23 25.91 -11.55
CA ASP A 510 3.28 25.45 -10.67
C ASP A 510 2.92 24.08 -10.11
N ILE A 511 3.94 23.32 -9.70
CA ILE A 511 3.77 21.92 -9.31
C ILE A 511 4.09 21.75 -7.82
N TYR A 512 3.23 21.04 -7.11
CA TYR A 512 3.38 20.79 -5.69
C TYR A 512 3.45 19.30 -5.46
N ALA A 513 4.30 18.89 -4.51
CA ALA A 513 4.43 17.48 -4.17
C ALA A 513 4.36 17.33 -2.66
N THR A 514 3.82 16.21 -2.20
CA THR A 514 3.80 15.92 -0.77
C THR A 514 4.34 14.52 -0.49
N GLY A 515 4.92 14.37 0.69
CA GLY A 515 5.46 13.09 1.09
C GLY A 515 5.93 13.13 2.52
N TRP A 516 6.73 12.14 2.90
CA TRP A 516 7.34 12.12 4.21
C TRP A 516 8.86 12.11 4.12
N THR A 517 9.51 12.43 5.23
CA THR A 517 10.96 12.36 5.31
C THR A 517 11.36 11.88 6.69
N LEU A 518 12.46 11.12 6.72
CA LEU A 518 13.12 10.78 7.98
C LEU A 518 14.25 11.75 8.32
N GLY A 519 14.51 12.72 7.46
CA GLY A 519 15.57 13.68 7.67
C GLY A 519 15.08 15.10 7.81
N ASP A 520 16.00 16.05 7.62
CA ASP A 520 15.74 17.48 7.72
C ASP A 520 15.62 18.03 6.30
N LEU A 521 14.42 17.92 5.73
CA LEU A 521 14.22 18.31 4.34
C LEU A 521 13.82 19.78 4.22
N GLY A 522 12.74 20.17 4.90
CA GLY A 522 12.33 21.57 4.91
C GLY A 522 12.60 22.27 6.23
N GLY A 523 13.18 21.53 7.17
CA GLY A 523 13.50 22.07 8.47
C GLY A 523 13.96 20.94 9.37
N LYS A 524 14.08 21.23 10.66
CA LYS A 524 14.56 20.21 11.59
CA LYS A 524 14.55 20.23 11.61
C LYS A 524 13.47 19.17 11.84
N ASN A 525 13.83 17.91 11.70
CA ASN A 525 12.86 16.83 11.89
C ASN A 525 12.42 16.77 13.36
N ALA A 526 11.10 16.75 13.58
CA ALA A 526 10.55 16.74 14.93
C ALA A 526 10.66 15.37 15.58
N GLY A 527 10.90 14.34 14.79
CA GLY A 527 11.01 12.98 15.26
C GLY A 527 10.38 12.03 14.27
N SER A 528 11.01 10.87 14.06
CA SER A 528 10.41 9.81 13.24
C SER A 528 10.11 10.35 11.83
N TYR A 529 9.00 9.94 11.24
CA TYR A 529 8.54 10.47 9.96
C TYR A 529 7.91 11.83 10.18
N ASP A 530 8.22 12.79 9.29
CA ASP A 530 7.55 14.09 9.23
C ASP A 530 6.98 14.28 7.83
N VAL A 531 5.99 15.18 7.73
CA VAL A 531 5.35 15.53 6.46
C VAL A 531 6.13 16.64 5.78
N TRP A 532 6.22 16.60 4.44
CA TRP A 532 6.70 17.75 3.68
C TRP A 532 5.75 18.09 2.53
N LEU A 533 5.83 19.36 2.14
CA LEU A 533 5.14 19.90 0.98
C LEU A 533 6.15 20.75 0.23
N ALA A 534 6.38 20.43 -1.04
CA ALA A 534 7.37 21.11 -1.86
C ALA A 534 6.68 21.76 -3.06
N LYS A 535 7.18 22.92 -3.47
CA LYS A 535 6.66 23.63 -4.62
C LYS A 535 7.77 23.98 -5.58
N TYR A 536 7.58 23.65 -6.85
CA TYR A 536 8.48 24.03 -7.94
C TYR A 536 7.69 24.87 -8.94
N ASN A 537 8.38 25.82 -9.59
CA ASN A 537 7.72 26.53 -10.67
C ASN A 537 7.84 25.76 -11.99
N THR A 538 7.19 26.29 -13.02
CA THR A 538 7.12 25.58 -14.30
C THR A 538 8.49 25.47 -14.96
N ASN A 539 9.45 26.30 -14.56
CA ASN A 539 10.80 26.25 -15.10
C ASN A 539 11.76 25.48 -14.21
N GLY A 540 11.24 24.70 -13.27
CA GLY A 540 12.08 23.79 -12.51
C GLY A 540 12.78 24.38 -11.33
N ASN A 541 12.45 25.60 -10.92
CA ASN A 541 13.07 26.23 -9.76
CA ASN A 541 13.09 26.17 -9.76
C ASN A 541 12.34 25.77 -8.51
N GLN A 542 13.08 25.27 -7.52
CA GLN A 542 12.46 24.93 -6.24
C GLN A 542 12.11 26.23 -5.51
N LEU A 543 10.84 26.41 -5.22
CA LEU A 543 10.42 27.65 -4.57
C LEU A 543 10.49 27.54 -3.05
N TRP A 544 10.07 26.42 -2.48
CA TRP A 544 10.12 26.22 -1.03
C TRP A 544 9.76 24.77 -0.71
N ILE A 545 10.15 24.35 0.49
CA ILE A 545 9.70 23.09 1.08
C ILE A 545 9.30 23.38 2.52
N LYS A 546 8.05 23.06 2.88
CA LYS A 546 7.59 23.11 4.26
C LYS A 546 7.66 21.70 4.84
N GLN A 547 8.10 21.61 6.09
CA GLN A 547 8.13 20.34 6.81
C GLN A 547 7.47 20.55 8.15
N PHE A 548 6.64 19.59 8.56
CA PHE A 548 5.93 19.70 9.83
C PHE A 548 5.60 18.33 10.37
N GLY A 549 5.31 18.28 11.67
CA GLY A 549 4.93 17.02 12.27
C GLY A 549 4.96 17.11 13.77
N THR A 550 4.93 15.93 14.39
CA THR A 550 5.08 15.71 15.82
C THR A 550 6.35 14.90 16.04
N SER A 551 6.66 14.68 17.31
CA SER A 551 7.75 13.77 17.67
C SER A 551 7.50 12.35 17.20
N GLU A 552 6.26 12.01 16.84
CA GLU A 552 5.89 10.66 16.44
C GLU A 552 5.86 10.56 14.91
N ASP A 553 5.15 9.56 14.40
CA ASP A 553 5.19 9.20 12.99
C ASP A 553 4.05 9.93 12.27
N ASP A 554 4.41 10.86 11.36
CA ASP A 554 3.43 11.67 10.63
C ASP A 554 3.74 11.56 9.14
N ALA A 555 2.72 11.28 8.32
CA ALA A 555 2.97 11.16 6.87
C ALA A 555 1.69 11.41 6.09
N PRO A 556 1.77 11.95 4.87
CA PRO A 556 0.65 11.82 3.93
C PRO A 556 0.59 10.36 3.49
N PHE A 557 -0.45 10.00 2.76
CA PHE A 557 -0.59 8.61 2.31
C PHE A 557 -1.39 8.55 1.02
N LEU A 558 -0.90 7.76 0.05
CA LEU A 558 -1.59 7.52 -1.22
C LEU A 558 -1.99 8.81 -1.93
N ASP A 559 -3.30 9.08 -2.05
CA ASP A 559 -3.79 10.25 -2.81
C ASP A 559 -3.80 11.47 -1.88
N GLY A 560 -2.58 11.91 -1.53
CA GLY A 560 -2.39 12.79 -0.41
C GLY A 560 -2.47 14.28 -0.66
N ILE A 561 -2.64 14.75 -1.90
CA ILE A 561 -2.77 16.19 -2.16
C ILE A 561 -3.91 16.45 -3.13
N ASP A 562 -4.59 17.58 -2.95
CA ASP A 562 -5.50 18.12 -3.96
C ASP A 562 -5.40 19.64 -3.90
N ILE A 563 -5.73 20.31 -5.00
CA ILE A 563 -5.68 21.77 -5.08
C ILE A 563 -6.98 22.27 -5.68
N ASP A 564 -7.63 23.24 -5.02
CA ASP A 564 -8.92 23.71 -5.49
C ASP A 564 -8.76 24.90 -6.44
N ALA A 565 -9.91 25.42 -6.91
CA ALA A 565 -9.92 26.52 -7.89
C ALA A 565 -9.34 27.82 -7.32
N ASN A 566 -9.27 27.95 -6.00
CA ASN A 566 -8.67 29.10 -5.34
C ASN A 566 -7.20 28.90 -5.05
N ASP A 567 -6.62 27.82 -5.56
CA ASP A 567 -5.22 27.49 -5.35
C ASP A 567 -4.91 27.23 -3.88
N ASN A 568 -5.89 26.74 -3.13
CA ASN A 568 -5.61 26.19 -1.81
C ASN A 568 -5.19 24.73 -1.96
N ILE A 569 -4.23 24.35 -1.13
CA ILE A 569 -3.65 23.01 -1.15
C ILE A 569 -4.21 22.25 0.05
N PHE A 570 -4.66 21.02 -0.18
CA PHE A 570 -5.13 20.15 0.90
C PHE A 570 -4.27 18.90 0.92
N LEU A 571 -3.84 18.49 2.12
CA LEU A 571 -3.05 17.30 2.33
C LEU A 571 -3.78 16.35 3.27
N THR A 572 -3.46 15.06 3.17
CA THR A 572 -4.06 14.09 4.07
C THR A 572 -3.16 12.85 4.23
N GLY A 573 -3.31 12.19 5.37
CA GLY A 573 -2.60 10.95 5.63
C GLY A 573 -2.88 10.38 6.99
N ASN A 574 -1.83 9.94 7.69
CA ASN A 574 -1.98 9.35 8.99
C ASN A 574 -0.89 9.85 9.94
N THR A 575 -1.16 9.66 11.23
CA THR A 575 -0.21 10.00 12.28
C THR A 575 -0.47 9.11 13.49
N ASN A 576 0.58 8.72 14.19
CA ASN A 576 0.39 8.11 15.50
C ASN A 576 0.78 9.06 16.63
N GLY A 577 0.86 10.36 16.32
CA GLY A 577 1.06 11.38 17.33
C GLY A 577 -0.17 12.25 17.52
N ASN A 578 0.04 13.34 18.25
CA ASN A 578 -1.01 14.33 18.50
C ASN A 578 -0.83 15.50 17.55
N LEU A 579 -1.10 15.24 16.27
CA LEU A 579 -0.77 16.22 15.23
C LEU A 579 -1.82 17.32 15.14
N GLY A 580 -3.08 16.96 14.91
CA GLY A 580 -4.17 17.91 14.88
C GLY A 580 -5.00 17.93 16.14
N GLY A 581 -4.70 17.06 17.09
CA GLY A 581 -5.41 16.97 18.35
C GLY A 581 -4.91 15.75 19.09
N ALA A 582 -5.58 15.43 20.19
CA ALA A 582 -5.18 14.26 20.97
C ALA A 582 -5.44 12.98 20.17
N ASN A 583 -4.43 12.13 20.09
CA ASN A 583 -4.56 10.90 19.31
C ASN A 583 -5.58 9.96 19.95
N ALA A 584 -6.49 9.43 19.13
CA ALA A 584 -7.57 8.57 19.62
C ALA A 584 -7.12 7.14 19.89
N GLY A 585 -5.99 6.73 19.30
CA GLY A 585 -5.45 5.40 19.47
C GLY A 585 -4.83 4.92 18.17
N SER A 586 -3.68 4.26 18.27
CA SER A 586 -2.99 3.75 17.07
C SER A 586 -2.69 4.92 16.11
N TYR A 587 -2.77 4.67 14.81
CA TYR A 587 -2.74 5.78 13.85
C TYR A 587 -4.13 6.36 13.70
N ASP A 588 -4.17 7.66 13.47
CA ASP A 588 -5.39 8.39 13.12
C ASP A 588 -5.20 9.04 11.76
N ALA A 589 -6.30 9.45 11.15
CA ALA A 589 -6.23 10.27 9.95
C ALA A 589 -5.98 11.74 10.33
N TRP A 590 -5.39 12.48 9.39
CA TRP A 590 -5.28 13.92 9.54
C TRP A 590 -5.48 14.56 8.17
N ALA A 591 -5.83 15.84 8.18
CA ALA A 591 -5.91 16.64 6.97
C ALA A 591 -5.44 18.06 7.29
N ALA A 592 -4.95 18.76 6.27
CA ALA A 592 -4.50 20.14 6.44
C ALA A 592 -4.77 20.93 5.18
N LYS A 593 -4.89 22.25 5.36
CA LYS A 593 -5.06 23.18 4.25
C LYS A 593 -3.94 24.21 4.29
N PHE A 594 -3.41 24.54 3.10
CA PHE A 594 -2.34 25.51 2.92
C PHE A 594 -2.75 26.48 1.83
N ASP A 595 -2.21 27.70 1.87
CA ASP A 595 -2.32 28.58 0.71
C ASP A 595 -1.20 28.27 -0.29
N LYS A 596 -1.23 28.93 -1.44
CA LYS A 596 -0.26 28.64 -2.51
C LYS A 596 1.16 29.07 -2.15
N ASP A 597 1.35 29.83 -1.08
CA ASP A 597 2.68 30.17 -0.60
C ASP A 597 3.12 29.31 0.55
N GLY A 598 2.37 28.27 0.87
CA GLY A 598 2.75 27.32 1.89
C GLY A 598 2.39 27.71 3.31
N ASN A 599 1.61 28.77 3.51
CA ASN A 599 1.12 29.05 4.85
C ASN A 599 0.05 28.05 5.22
N GLN A 600 0.17 27.48 6.41
CA GLN A 600 -0.78 26.45 6.83
C GLN A 600 -1.99 27.13 7.44
N LEU A 601 -3.16 26.87 6.87
CA LEU A 601 -4.40 27.52 7.27
C LEU A 601 -5.10 26.77 8.40
N TRP A 602 -5.09 25.43 8.36
CA TRP A 602 -5.63 24.63 9.45
C TRP A 602 -5.09 23.22 9.35
N LEU A 603 -5.22 22.49 10.46
CA LEU A 603 -4.70 21.15 10.60
C LEU A 603 -5.62 20.40 11.56
N LYS A 604 -6.23 19.32 11.10
CA LYS A 604 -7.23 18.58 11.87
C LYS A 604 -6.87 17.10 11.91
N GLN A 605 -7.37 16.42 12.94
CA GLN A 605 -7.10 15.00 13.11
C GLN A 605 -8.38 14.32 13.55
N PHE A 606 -8.59 13.08 13.10
CA PHE A 606 -9.82 12.37 13.40
C PHE A 606 -9.61 10.87 13.19
N GLY A 607 -10.47 10.08 13.82
CA GLY A 607 -10.37 8.65 13.68
C GLY A 607 -10.97 7.92 14.86
N THR A 608 -10.55 6.67 15.02
CA THR A 608 -11.09 5.78 16.03
C THR A 608 -9.96 5.37 16.97
N PRO A 609 -10.26 4.66 18.07
CA PRO A 609 -9.19 4.10 18.90
C PRO A 609 -8.35 3.05 18.20
N ASP A 610 -8.78 2.56 17.04
CA ASP A 610 -8.02 1.55 16.31
CA ASP A 610 -8.05 1.55 16.29
C ASP A 610 -7.28 2.21 15.15
N TYR A 611 -6.66 1.39 14.30
CA TYR A 611 -5.87 1.89 13.18
C TYR A 611 -6.76 2.59 12.15
N ASP A 612 -6.43 3.84 11.82
CA ASP A 612 -7.06 4.54 10.72
C ASP A 612 -5.99 5.24 9.90
N THR A 613 -6.24 5.38 8.60
CA THR A 613 -5.49 6.33 7.78
C THR A 613 -6.40 6.91 6.73
N ALA A 614 -6.23 8.21 6.46
CA ALA A 614 -6.82 8.75 5.24
C ALA A 614 -6.04 8.21 4.06
N THR A 615 -6.72 8.11 2.92
CA THR A 615 -6.08 7.70 1.67
C THR A 615 -6.32 8.68 0.53
N THR A 616 -7.24 9.64 0.68
CA THR A 616 -7.56 10.50 -0.45
C THR A 616 -8.26 11.76 0.06
N VAL A 617 -8.02 12.86 -0.65
CA VAL A 617 -8.66 14.14 -0.37
C VAL A 617 -9.08 14.78 -1.69
N THR A 618 -10.33 15.23 -1.76
CA THR A 618 -10.84 15.95 -2.93
C THR A 618 -11.63 17.16 -2.47
N ALA A 619 -11.26 18.33 -2.98
CA ALA A 619 -11.96 19.57 -2.68
C ALA A 619 -12.95 19.88 -3.80
N VAL A 620 -14.17 20.24 -3.43
CA VAL A 620 -15.12 20.80 -4.39
C VAL A 620 -14.83 22.29 -4.52
N ASN A 621 -14.77 22.79 -5.75
CA ASN A 621 -14.56 24.22 -5.92
C ASN A 621 -15.70 24.98 -5.28
N PHE A 622 -15.36 25.84 -4.33
CA PHE A 622 -16.33 26.66 -3.58
C PHE A 622 -17.34 25.81 -2.82
N GLY A 623 -17.00 24.55 -2.52
CA GLY A 623 -17.87 23.63 -1.84
C GLY A 623 -17.17 22.89 -0.73
N LYS A 624 -17.66 21.70 -0.43
CA LYS A 624 -17.13 20.92 0.67
C LYS A 624 -15.78 20.29 0.32
N LEU A 625 -15.05 19.90 1.37
CA LEU A 625 -13.85 19.10 1.25
C LEU A 625 -14.19 17.68 1.69
N TYR A 626 -13.73 16.70 0.93
CA TYR A 626 -13.96 15.30 1.27
C TYR A 626 -12.63 14.63 1.59
N VAL A 627 -12.54 14.04 2.77
CA VAL A 627 -11.39 13.23 3.15
C VAL A 627 -11.91 11.82 3.37
N SER A 628 -11.28 10.83 2.73
CA SER A 628 -11.75 9.45 2.81
C SER A 628 -10.57 8.54 3.15
N GLY A 629 -10.88 7.35 3.65
CA GLY A 629 -9.82 6.45 4.04
C GLY A 629 -10.34 5.13 4.54
N ILE A 630 -9.49 4.47 5.32
CA ILE A 630 -9.70 3.09 5.74
C ILE A 630 -9.50 2.99 7.25
N THR A 631 -10.06 1.92 7.83
CA THR A 631 -10.01 1.76 9.28
C THR A 631 -10.20 0.30 9.67
N GLU A 632 -9.58 -0.06 10.80
CA GLU A 632 -9.88 -1.30 11.50
C GLU A 632 -10.91 -1.08 12.61
N GLY A 633 -11.32 0.17 12.85
CA GLY A 633 -12.32 0.47 13.85
C GLY A 633 -13.71 0.57 13.25
N SER A 634 -14.62 1.14 14.04
CA SER A 634 -16.02 1.32 13.66
C SER A 634 -16.22 2.82 13.45
N LEU A 635 -16.05 3.25 12.20
CA LEU A 635 -16.07 4.67 11.86
C LEU A 635 -17.28 4.87 10.96
N GLY A 636 -18.32 5.53 11.48
CA GLY A 636 -19.58 5.69 10.77
C GLY A 636 -20.62 4.70 11.25
N THR A 637 -20.28 3.42 11.21
CA THR A 637 -21.14 2.37 11.77
C THR A 637 -20.24 1.21 12.16
N THR A 638 -20.86 0.17 12.74
CA THR A 638 -20.12 -0.99 13.21
C THR A 638 -19.28 -1.63 12.11
N ASN A 639 -18.01 -1.89 12.42
CA ASN A 639 -17.14 -2.58 11.47
C ASN A 639 -17.73 -3.93 11.09
N ALA A 640 -17.79 -4.20 9.78
CA ALA A 640 -18.35 -5.45 9.26
C ALA A 640 -17.32 -6.55 9.09
N GLY A 641 -16.04 -6.21 9.16
CA GLY A 641 -14.99 -7.21 9.02
C GLY A 641 -13.71 -6.56 8.58
N SER A 642 -12.63 -6.86 9.32
CA SER A 642 -11.28 -6.39 9.02
CA SER A 642 -11.27 -6.39 9.03
C SER A 642 -11.28 -4.91 8.64
N TYR A 643 -10.76 -4.57 7.45
CA TYR A 643 -10.79 -3.19 7.00
C TYR A 643 -12.16 -2.81 6.42
N ASP A 644 -12.69 -1.68 6.89
CA ASP A 644 -13.80 -0.98 6.28
C ASP A 644 -13.30 0.39 5.85
N SER A 645 -14.13 1.12 5.11
CA SER A 645 -13.74 2.43 4.60
C SER A 645 -14.76 3.49 5.00
N TRP A 646 -14.37 4.74 4.81
CA TRP A 646 -15.18 5.86 5.27
C TRP A 646 -14.91 7.08 4.41
N ALA A 647 -15.90 7.97 4.37
CA ALA A 647 -15.74 9.28 3.77
C ALA A 647 -16.29 10.34 4.72
N LEU A 648 -15.53 11.41 4.91
CA LEU A 648 -15.92 12.53 5.74
C LEU A 648 -16.09 13.78 4.90
N LYS A 649 -17.19 14.49 5.13
CA LYS A 649 -17.48 15.77 4.52
C LYS A 649 -17.06 16.85 5.51
N LEU A 650 -16.12 17.70 5.09
CA LEU A 650 -15.57 18.74 5.94
C LEU A 650 -15.89 20.13 5.38
N ASP A 651 -16.04 21.09 6.27
CA ASP A 651 -16.02 22.50 5.88
C ASP A 651 -14.60 22.86 5.48
N ALA A 652 -14.42 23.29 4.24
CA ALA A 652 -13.08 23.56 3.72
C ALA A 652 -12.43 24.77 4.38
N ASP A 653 -13.22 25.63 5.03
CA ASP A 653 -12.63 26.83 5.65
CA ASP A 653 -12.65 26.83 5.67
C ASP A 653 -11.95 26.52 6.97
N ASN A 654 -12.41 25.51 7.69
CA ASN A 654 -11.86 25.23 9.01
C ASN A 654 -11.63 23.75 9.30
N GLY A 655 -11.93 22.86 8.37
CA GLY A 655 -11.72 21.44 8.59
C GLY A 655 -12.71 20.77 9.51
N GLU A 656 -13.80 21.44 9.88
CA GLU A 656 -14.75 20.83 10.80
CA GLU A 656 -14.76 20.85 10.81
C GLU A 656 -15.64 19.83 10.09
N ILE A 657 -15.86 18.68 10.75
CA ILE A 657 -16.68 17.62 10.19
C ILE A 657 -18.15 18.02 10.15
N GLN A 658 -18.79 17.79 9.01
CA GLN A 658 -20.22 18.00 8.82
C GLN A 658 -20.88 16.64 8.68
N ASP A 659 -22.19 16.60 8.91
CA ASP A 659 -22.93 15.37 8.64
CA ASP A 659 -22.97 15.39 8.63
C ASP A 659 -22.85 15.06 7.15
N PHE A 660 -22.54 13.81 6.83
CA PHE A 660 -22.39 13.44 5.43
C PHE A 660 -23.69 13.62 4.66
N ASN A 661 -24.82 13.33 5.29
CA ASN A 661 -26.11 13.45 4.64
CA ASN A 661 -26.13 13.43 4.66
C ASN A 661 -26.77 14.76 5.03
N SER A 662 -27.21 15.50 4.02
CA SER A 662 -27.91 16.77 4.25
C SER A 662 -29.29 16.79 3.61
C10 4PJ B . 13.45 -8.57 -5.69
C13 4PJ B . 12.08 -7.67 -7.73
C15 4PJ B . 12.45 -5.26 -7.04
C20 4PJ B . 9.31 -1.89 -5.63
C21 4PJ B . 9.70 -0.89 -6.63
C22 4PJ B . 9.26 -1.31 -7.95
C24 4PJ B . 10.32 -2.67 -3.52
C26 4PJ B . 12.74 -3.10 -2.96
C28 4PJ B . 15.10 -3.95 -2.68
C01 4PJ B . 12.76 -13.71 1.97
C02 4PJ B . 12.76 -12.18 1.89
C03 4PJ B . 13.11 -11.64 0.51
C04 4PJ B . 13.50 -10.17 0.55
C05 4PJ B . 14.27 -9.74 -0.71
C07 4PJ B . 13.31 -9.50 -1.87
C08 4PJ B . 13.97 -9.05 -3.17
C09 4PJ B . 12.94 -9.09 -4.34
C11 4PJ B . 12.46 -8.90 -6.85
C12 4PJ B . 13.08 -9.95 -7.73
C14 4PJ B . 11.65 -6.39 -7.03
C16 4PJ B . 12.07 -4.07 -6.41
C18 4PJ B . 10.87 -3.90 -5.73
C19 4PJ B . 10.52 -2.56 -5.03
C23 4PJ B . 7.75 -1.35 -8.05
C25 4PJ B . 11.31 -3.59 -2.83
C27 4PJ B . 13.71 -3.89 -2.10
C29 4PJ B . 15.97 -4.83 -1.83
C30 4PJ B . 15.78 -2.56 -2.80
C31 4PJ B . 16.76 -2.46 -3.91
C32 4PJ B . 18.11 -2.76 -3.69
C33 4PJ B . 19.02 -2.68 -4.73
C35 4PJ B . 18.65 -2.31 -6.02
C36 4PJ B . 17.30 -2.03 -6.22
C38 4PJ B . 16.36 -2.10 -5.19
C39 4PJ B . 10.05 -5.06 -5.72
C41 4PJ B . 10.42 -6.27 -6.35
F06 4PJ B . 15.11 -10.77 -1.02
O17 4PJ B . 12.94 -3.02 -6.49
O34 4PJ B . 20.32 -2.97 -4.42
O37 4PJ B . 16.84 -1.66 -7.44
O40 4PJ B . 8.86 -4.96 -5.06
MG MG C . -8.20 18.35 -8.08
MG MG D . -8.72 -28.56 15.56
MG MG E . -26.77 5.19 4.68
MG MG F . 28.12 5.30 -0.54
MG MG G . -23.95 5.92 5.41
CA CA H . 6.89 -0.41 5.52
CA CA I . 8.52 -2.67 9.39
CA CA J . 9.88 -4.96 13.72
CA CA K . -4.83 -23.16 11.39
CA CA L . -14.68 -4.87 5.69
CA CA M . -10.72 -9.81 -8.82
CA CA N . 2.87 -6.72 -17.43
CA CA O . 15.15 2.41 -13.11
CA CA P . 17.08 10.93 0.44
CA CA Q . 7.27 13.23 13.14
CA CA R . -6.89 5.70 15.40
CA CA S . -4.51 14.03 -5.65
CL CL T . 8.75 1.52 -1.59
CL CL U . -21.63 1.33 19.19
CL CL V . 21.88 6.25 -10.42
CL CL W . 20.14 -3.61 8.89
CL CL X . -26.71 8.88 -11.23
CL CL Y . 2.06 -18.64 27.99
CL CL Z . -3.09 -32.40 11.85
#